data_5E7Q
#
_entry.id   5E7Q
#
_cell.length_a   70.872
_cell.length_b   146.892
_cell.length_c   146.928
_cell.angle_alpha   90.000
_cell.angle_beta   90.000
_cell.angle_gamma   90.000
#
_symmetry.space_group_name_H-M   'P 21 21 21'
#
loop_
_entity.id
_entity.type
_entity.pdbx_description
1 polymer 'acyl-CoA synthetase'
2 non-polymer 'SULFATE ION'
3 non-polymer GLYCEROL
4 water water
#
_entity_poly.entity_id   1
_entity_poly.type   'polypeptide(L)'
_entity_poly.pdbx_seq_one_letter_code
;SNAQHTTIGDVLREHRRSHPGRTALVDGPVRLTWPELDDRVNRLAGSLAASGIGRGDRI(MSE)WLGQNSFRVYELIAAA
GKLGA(MSE)VCVGYWRWAPPE(MSE)EFALRDFDPHLVVWQHQEIHETVARTREALGSDDTARWLRHDSAPQDPDGYEA
FLAAGGLADPDLDIDPDSPVLVLYTAA(MSE)SGRQCGSLLSHTNLIA(MSE)ATAAAWLGDIDHTTAFLNSGP(MSE)F
HIGNHQFWG(MSE)PTLL(MSE)AGKNVIVRRVVAEEVRDLLVAEECTHAFL(MSE)PPTVAEIVRLNRDTGHDLSRLRA
TVAPHLWEG(MSE)ATTDTSRFTRSGAAAGRGYGQTELSGFAVTAAYGGPAAGNAGRPGPGLTVRVLDTAGRECAVGEAG
EICARGTVVHRGYWNRDEVNAHRFRSGWWHTTDLGRREPDGSLTFLGTTTR(MSE)LKSAAENIFPAEVENCIEQHPAVR
EAAVIGVPNTRWAQDVKAVVVLEPDAGVSEQEIIDHCRPRIASYKKPKSVAFAAALPRTVSGARDYDALDKEYGGGGYPG
AATLGPGR
;
_entity_poly.pdbx_strand_id   A,B
#
# COMPACT_ATOMS: atom_id res chain seq x y z
N ALA A 3 -17.26 -1.29 -0.19
CA ALA A 3 -17.27 0.13 -0.69
C ALA A 3 -15.94 0.83 -0.36
N GLN A 4 -15.39 0.55 0.82
CA GLN A 4 -14.10 1.08 1.17
C GLN A 4 -13.01 0.00 1.08
N HIS A 5 -13.21 -1.06 0.25
CA HIS A 5 -12.16 -2.10 0.11
C HIS A 5 -11.91 -2.64 -1.27
N THR A 6 -10.68 -2.50 -1.71
CA THR A 6 -10.26 -2.95 -3.03
C THR A 6 -10.08 -4.47 -3.07
N THR A 7 -10.55 -5.07 -4.15
CA THR A 7 -10.35 -6.47 -4.48
C THR A 7 -9.63 -6.55 -5.85
N ILE A 8 -9.26 -7.75 -6.24
CA ILE A 8 -8.57 -7.97 -7.49
C ILE A 8 -9.51 -7.61 -8.64
N GLY A 9 -10.80 -7.93 -8.46
CA GLY A 9 -11.82 -7.51 -9.41
C GLY A 9 -11.84 -6.01 -9.64
N ASP A 10 -11.74 -5.22 -8.58
CA ASP A 10 -11.70 -3.76 -8.69
C ASP A 10 -10.50 -3.25 -9.45
N VAL A 11 -9.35 -3.91 -9.32
CA VAL A 11 -8.20 -3.57 -10.15
C VAL A 11 -8.52 -3.65 -11.66
N LEU A 12 -9.09 -4.77 -12.10
CA LEU A 12 -9.40 -4.89 -13.51
C LEU A 12 -10.48 -3.91 -13.98
N ARG A 13 -11.50 -3.66 -13.16
CA ARG A 13 -12.58 -2.77 -13.54
C ARG A 13 -12.03 -1.35 -13.72
N GLU A 14 -11.06 -0.99 -12.86
CA GLU A 14 -10.48 0.30 -12.97
C GLU A 14 -9.57 0.32 -14.21
N HIS A 15 -8.72 -0.68 -14.40
CA HIS A 15 -7.83 -0.64 -15.57
C HIS A 15 -8.57 -0.61 -16.88
N ARG A 16 -9.68 -1.33 -17.00
CA ARG A 16 -10.42 -1.31 -18.25
C ARG A 16 -10.86 0.12 -18.61
N ARG A 17 -11.10 0.97 -17.60
CA ARG A 17 -11.52 2.35 -17.81
C ARG A 17 -10.36 3.34 -17.95
N SER A 18 -9.33 3.20 -17.14
CA SER A 18 -8.21 4.12 -17.16
C SER A 18 -7.17 3.81 -18.24
N HIS A 19 -7.05 2.54 -18.63
CA HIS A 19 -6.10 2.16 -19.65
C HIS A 19 -6.71 1.36 -20.79
N PRO A 20 -7.65 1.96 -21.53
CA PRO A 20 -8.41 1.21 -22.55
C PRO A 20 -7.56 0.61 -23.67
N GLY A 21 -6.43 1.25 -23.99
CA GLY A 21 -5.61 0.75 -25.10
C GLY A 21 -4.35 -0.01 -24.75
N ARG A 22 -4.01 -0.14 -23.46
CA ARG A 22 -2.76 -0.77 -23.05
C ARG A 22 -2.90 -2.27 -23.03
N THR A 23 -1.82 -2.94 -23.41
CA THR A 23 -1.73 -4.39 -23.37
C THR A 23 -1.47 -4.86 -21.96
N ALA A 24 -2.29 -5.81 -21.52
CA ALA A 24 -2.28 -6.34 -20.18
C ALA A 24 -1.54 -7.67 -20.08
N LEU A 25 -1.84 -8.56 -21.03
CA LEU A 25 -1.27 -9.91 -21.09
C LEU A 25 -0.85 -10.28 -22.49
N VAL A 26 0.26 -10.99 -22.60
CA VAL A 26 0.77 -11.58 -23.83
C VAL A 26 1.21 -13.01 -23.51
N ASP A 27 0.75 -13.95 -24.33
CA ASP A 27 1.09 -15.35 -24.17
C ASP A 27 1.03 -16.01 -25.54
N GLY A 28 2.21 -16.23 -26.13
CA GLY A 28 2.31 -16.71 -27.50
C GLY A 28 1.61 -15.68 -28.39
N PRO A 29 0.66 -16.12 -29.22
CA PRO A 29 -0.06 -15.20 -30.10
C PRO A 29 -1.21 -14.44 -29.40
N VAL A 30 -1.51 -14.81 -28.16
CA VAL A 30 -2.61 -14.15 -27.46
C VAL A 30 -2.17 -12.81 -26.94
N ARG A 31 -2.92 -11.75 -27.28
CA ARG A 31 -2.68 -10.41 -26.74
C ARG A 31 -3.96 -9.75 -26.26
N LEU A 32 -3.95 -9.26 -25.04
CA LEU A 32 -5.16 -8.72 -24.43
C LEU A 32 -4.92 -7.35 -23.82
N THR A 33 -5.71 -6.38 -24.26
CA THR A 33 -5.77 -5.09 -23.60
C THR A 33 -6.57 -5.28 -22.29
N TRP A 34 -6.55 -4.29 -21.41
CA TRP A 34 -7.32 -4.36 -20.16
C TRP A 34 -8.82 -4.59 -20.38
N PRO A 35 -9.48 -3.88 -21.33
CA PRO A 35 -10.88 -4.20 -21.57
C PRO A 35 -11.11 -5.59 -22.12
N GLU A 36 -10.24 -6.09 -22.98
CA GLU A 36 -10.37 -7.44 -23.52
C GLU A 36 -10.18 -8.48 -22.39
N LEU A 37 -9.19 -8.28 -21.55
CA LEU A 37 -9.00 -9.16 -20.40
C LEU A 37 -10.21 -9.11 -19.49
N ASP A 38 -10.67 -7.92 -19.13
CA ASP A 38 -11.80 -7.86 -18.21
C ASP A 38 -13.05 -8.52 -18.82
N ASP A 39 -13.27 -8.30 -20.12
CA ASP A 39 -14.38 -9.00 -20.79
C ASP A 39 -14.30 -10.55 -20.67
N ARG A 40 -13.15 -11.11 -20.99
CA ARG A 40 -12.91 -12.55 -20.82
C ARG A 40 -13.15 -12.98 -19.36
N VAL A 41 -12.64 -12.20 -18.43
CA VAL A 41 -12.83 -12.52 -17.04
C VAL A 41 -14.30 -12.58 -16.69
N ASN A 42 -15.08 -11.66 -17.25
CA ASN A 42 -16.50 -11.61 -16.95
C ASN A 42 -17.23 -12.81 -17.54
N ARG A 43 -16.90 -13.19 -18.77
CA ARG A 43 -17.49 -14.34 -19.39
C ARG A 43 -17.14 -15.57 -18.56
N LEU A 44 -15.88 -15.66 -18.15
CA LEU A 44 -15.41 -16.82 -17.41
C LEU A 44 -16.14 -16.88 -16.07
N ALA A 45 -16.30 -15.75 -15.42
CA ALA A 45 -17.04 -15.73 -14.18
C ALA A 45 -18.50 -16.13 -14.40
N GLY A 46 -19.07 -15.71 -15.53
CA GLY A 46 -20.44 -16.05 -15.85
C GLY A 46 -20.60 -17.55 -15.92
N SER A 47 -19.72 -18.23 -16.66
CA SER A 47 -19.75 -19.69 -16.76
C SER A 47 -19.44 -20.38 -15.42
N LEU A 48 -18.48 -19.87 -14.68
CA LEU A 48 -18.23 -20.43 -13.37
C LEU A 48 -19.48 -20.39 -12.50
N ALA A 49 -20.11 -19.23 -12.39
CA ALA A 49 -21.32 -19.08 -11.55
C ALA A 49 -22.45 -19.98 -12.02
N ALA A 50 -22.61 -20.12 -13.33
CA ALA A 50 -23.68 -20.95 -13.88
C ALA A 50 -23.43 -22.42 -13.57
N SER A 51 -22.15 -22.81 -13.50
CA SER A 51 -21.81 -24.16 -13.11
C SER A 51 -21.86 -24.34 -11.59
N GLY A 52 -22.21 -23.31 -10.85
CA GLY A 52 -22.36 -23.41 -9.39
C GLY A 52 -21.23 -22.88 -8.53
N ILE A 53 -20.20 -22.27 -9.14
CA ILE A 53 -19.07 -21.76 -8.37
C ILE A 53 -19.43 -20.42 -7.75
N GLY A 54 -19.26 -20.30 -6.44
CA GLY A 54 -19.56 -19.06 -5.71
C GLY A 54 -18.56 -18.85 -4.58
N ARG A 55 -18.97 -18.08 -3.58
CA ARG A 55 -18.13 -17.71 -2.45
C ARG A 55 -17.58 -18.95 -1.74
N GLY A 56 -16.26 -19.00 -1.56
CA GLY A 56 -15.60 -20.12 -0.90
C GLY A 56 -15.32 -21.36 -1.78
N ASP A 57 -15.74 -21.36 -3.04
CA ASP A 57 -15.49 -22.51 -3.92
C ASP A 57 -14.08 -22.49 -4.50
N ARG A 58 -13.70 -23.57 -5.12
CA ARG A 58 -12.31 -23.84 -5.33
C ARG A 58 -12.05 -24.38 -6.71
N ILE A 59 -10.99 -23.84 -7.31
CA ILE A 59 -10.55 -24.24 -8.61
C ILE A 59 -9.08 -24.61 -8.57
N TRP A 61 -5.58 -25.40 -10.70
CA TRP A 61 -4.85 -25.33 -11.96
C TRP A 61 -3.74 -26.35 -11.95
N LEU A 62 -3.71 -27.23 -12.95
CA LEU A 62 -2.67 -28.24 -13.12
C LEU A 62 -2.03 -28.04 -14.47
N GLY A 63 -1.10 -27.11 -14.53
CA GLY A 63 -0.41 -26.80 -15.76
C GLY A 63 0.79 -25.91 -15.53
N GLN A 64 1.53 -25.66 -16.59
CA GLN A 64 2.62 -24.72 -16.55
C GLN A 64 2.02 -23.29 -16.59
N ASN A 65 2.87 -22.28 -16.58
CA ASN A 65 2.44 -20.90 -16.64
C ASN A 65 1.58 -20.66 -17.89
N SER A 66 0.58 -19.82 -17.72
CA SER A 66 -0.31 -19.44 -18.79
C SER A 66 -1.04 -18.17 -18.39
N PHE A 67 -1.46 -17.43 -19.40
CA PHE A 67 -2.24 -16.23 -19.16
C PHE A 67 -3.58 -16.56 -18.49
N ARG A 68 -4.04 -17.79 -18.71
CA ARG A 68 -5.31 -18.22 -18.15
C ARG A 68 -5.26 -18.30 -16.63
N VAL A 69 -4.07 -18.39 -16.05
CA VAL A 69 -3.94 -18.38 -14.58
C VAL A 69 -4.37 -17.04 -14.01
N TYR A 70 -3.90 -15.95 -14.60
CA TYR A 70 -4.39 -14.60 -14.24
C TYR A 70 -5.89 -14.48 -14.47
N GLU A 71 -6.38 -15.04 -15.57
CA GLU A 71 -7.81 -14.92 -15.86
C GLU A 71 -8.59 -15.62 -14.79
N LEU A 72 -8.12 -16.79 -14.39
CA LEU A 72 -8.85 -17.61 -13.42
C LEU A 72 -8.82 -16.96 -12.04
N ILE A 73 -7.68 -16.41 -11.68
CA ILE A 73 -7.57 -15.77 -10.39
C ILE A 73 -8.52 -14.60 -10.34
N ALA A 74 -8.60 -13.82 -11.42
CA ALA A 74 -9.47 -12.65 -11.43
C ALA A 74 -10.95 -13.02 -11.45
N ALA A 75 -11.31 -14.02 -12.25
CA ALA A 75 -12.71 -14.51 -12.35
C ALA A 75 -13.17 -15.11 -11.05
N ALA A 76 -12.33 -15.98 -10.49
CA ALA A 76 -12.61 -16.57 -9.21
C ALA A 76 -12.79 -15.46 -8.21
N GLY A 77 -11.93 -14.47 -8.26
CA GLY A 77 -11.97 -13.38 -7.30
C GLY A 77 -13.21 -12.52 -7.39
N LYS A 78 -13.78 -12.42 -8.59
CA LYS A 78 -15.01 -11.63 -8.74
C LYS A 78 -16.21 -12.36 -8.11
N LEU A 79 -16.06 -13.67 -7.89
CA LEU A 79 -17.06 -14.53 -7.29
C LEU A 79 -16.79 -14.85 -5.83
N GLY A 80 -15.66 -14.40 -5.30
CA GLY A 80 -15.27 -14.77 -3.94
C GLY A 80 -14.77 -16.20 -3.85
N ALA A 81 -14.41 -16.79 -5.00
CA ALA A 81 -13.83 -18.11 -5.05
C ALA A 81 -12.32 -18.03 -5.03
N VAL A 83 -8.30 -19.92 -6.34
CA VAL A 83 -7.59 -20.79 -7.29
C VAL A 83 -6.31 -21.29 -6.67
N CYS A 84 -6.08 -22.59 -6.72
CA CYS A 84 -4.80 -23.18 -6.35
C CYS A 84 -4.01 -23.38 -7.60
N VAL A 85 -2.81 -22.78 -7.65
CA VAL A 85 -1.90 -23.05 -8.75
C VAL A 85 -1.01 -24.22 -8.29
N GLY A 86 -1.30 -25.41 -8.79
CA GLY A 86 -0.65 -26.58 -8.33
C GLY A 86 0.68 -26.76 -9.03
N TYR A 87 1.46 -27.70 -8.52
CA TYR A 87 2.78 -28.03 -9.04
C TYR A 87 2.62 -28.99 -10.20
N TRP A 88 2.87 -28.50 -11.40
CA TRP A 88 2.67 -29.29 -12.61
C TRP A 88 3.52 -30.55 -12.68
N ARG A 89 4.62 -30.58 -11.94
CA ARG A 89 5.51 -31.74 -11.91
C ARG A 89 5.11 -32.81 -10.89
N TRP A 90 4.08 -32.58 -10.09
CA TRP A 90 3.64 -33.58 -9.14
C TRP A 90 3.47 -34.92 -9.83
N ALA A 91 4.03 -35.97 -9.22
CA ALA A 91 3.74 -37.32 -9.61
C ALA A 91 2.33 -37.71 -9.11
N PRO A 92 1.80 -38.84 -9.60
CA PRO A 92 0.44 -39.20 -9.21
C PRO A 92 0.13 -39.23 -7.69
N PRO A 93 1.05 -39.72 -6.82
CA PRO A 93 0.65 -39.72 -5.41
C PRO A 93 0.42 -38.33 -4.86
N GLU A 94 1.32 -37.41 -5.18
CA GLU A 94 1.24 -36.05 -4.69
C GLU A 94 0.08 -35.26 -5.36
N GLU A 96 -2.69 -36.71 -6.44
CA GLU A 96 -3.87 -37.24 -5.76
C GLU A 96 -4.04 -36.59 -4.38
N PHE A 97 -2.94 -36.50 -3.62
CA PHE A 97 -3.01 -35.92 -2.29
C PHE A 97 -3.58 -34.53 -2.35
N ALA A 98 -3.04 -33.69 -3.25
CA ALA A 98 -3.48 -32.33 -3.37
C ALA A 98 -4.95 -32.21 -3.85
N LEU A 99 -5.34 -33.06 -4.79
CA LEU A 99 -6.74 -33.02 -5.27
C LEU A 99 -7.69 -33.39 -4.15
N ARG A 100 -7.35 -34.42 -3.37
CA ARG A 100 -8.22 -34.84 -2.27
C ARG A 100 -8.26 -33.80 -1.15
N ASP A 101 -7.10 -33.22 -0.85
CA ASP A 101 -7.01 -32.18 0.18
C ASP A 101 -7.77 -30.91 -0.20
N PHE A 102 -7.43 -30.34 -1.34
CA PHE A 102 -8.03 -29.08 -1.78
C PHE A 102 -9.49 -29.28 -2.27
N ASP A 103 -9.84 -30.46 -2.77
CA ASP A 103 -11.24 -30.78 -3.04
C ASP A 103 -11.89 -29.72 -3.95
N PRO A 104 -11.28 -29.51 -5.12
CA PRO A 104 -11.76 -28.47 -6.01
C PRO A 104 -13.08 -28.85 -6.67
N HIS A 105 -13.92 -27.86 -6.95
CA HIS A 105 -15.15 -28.08 -7.72
C HIS A 105 -14.83 -28.15 -9.19
N LEU A 106 -13.69 -27.60 -9.57
CA LEU A 106 -13.25 -27.52 -10.96
C LEU A 106 -11.76 -27.64 -11.06
N VAL A 107 -11.30 -28.40 -12.05
CA VAL A 107 -9.88 -28.56 -12.30
C VAL A 107 -9.59 -28.13 -13.72
N VAL A 108 -8.68 -27.18 -13.87
CA VAL A 108 -8.22 -26.76 -15.20
C VAL A 108 -6.83 -27.33 -15.42
N TRP A 109 -6.72 -28.23 -16.39
CA TRP A 109 -5.57 -29.07 -16.55
C TRP A 109 -4.96 -28.89 -17.91
N GLN A 110 -3.71 -29.31 -18.01
CA GLN A 110 -2.91 -29.20 -19.19
C GLN A 110 -2.57 -30.58 -19.72
N HIS A 111 -2.78 -30.78 -21.02
CA HIS A 111 -2.49 -32.06 -21.64
C HIS A 111 -1.01 -32.17 -21.94
N GLN A 112 -0.43 -31.13 -22.47
CA GLN A 112 0.98 -31.18 -22.84
C GLN A 112 1.90 -31.49 -21.68
N GLU A 113 2.83 -32.41 -21.91
CA GLU A 113 3.82 -32.82 -20.92
C GLU A 113 3.29 -33.73 -19.77
N ILE A 114 2.07 -33.51 -19.26
CA ILE A 114 1.61 -34.19 -18.06
C ILE A 114 0.34 -35.03 -18.17
N HIS A 115 -0.17 -35.21 -19.37
CA HIS A 115 -1.41 -35.94 -19.55
C HIS A 115 -1.44 -37.36 -18.95
N GLU A 116 -0.32 -38.07 -19.05
CA GLU A 116 -0.25 -39.43 -18.54
CA GLU A 116 -0.26 -39.44 -18.54
C GLU A 116 -0.43 -39.41 -17.03
N THR A 117 0.26 -38.50 -16.37
CA THR A 117 0.15 -38.37 -14.91
C THR A 117 -1.27 -38.01 -14.52
N VAL A 118 -1.88 -37.12 -15.28
CA VAL A 118 -3.23 -36.69 -15.00
C VAL A 118 -4.20 -37.86 -15.11
N ALA A 119 -4.06 -38.67 -16.17
CA ALA A 119 -4.96 -39.79 -16.38
C ALA A 119 -4.77 -40.83 -15.28
N ARG A 120 -3.53 -41.12 -14.93
CA ARG A 120 -3.24 -42.05 -13.84
C ARG A 120 -3.87 -41.57 -12.55
N THR A 121 -3.71 -40.29 -12.24
CA THR A 121 -4.30 -39.72 -11.04
C THR A 121 -5.82 -39.80 -11.00
N ARG A 122 -6.48 -39.49 -12.11
CA ARG A 122 -7.94 -39.58 -12.16
C ARG A 122 -8.39 -41.01 -12.03
N GLU A 123 -7.66 -41.94 -12.61
CA GLU A 123 -7.91 -43.35 -12.42
CA GLU A 123 -8.00 -43.33 -12.38
C GLU A 123 -7.78 -43.70 -10.92
N ALA A 124 -6.69 -43.26 -10.30
CA ALA A 124 -6.48 -43.49 -8.86
C ALA A 124 -7.63 -42.94 -7.97
N LEU A 125 -8.18 -41.79 -8.32
CA LEU A 125 -9.30 -41.20 -7.54
C LEU A 125 -10.60 -42.01 -7.65
N GLY A 126 -10.71 -42.77 -8.73
CA GLY A 126 -11.80 -43.71 -8.87
C GLY A 126 -13.11 -42.97 -8.80
N SER A 127 -14.02 -43.47 -7.98
CA SER A 127 -15.34 -42.90 -7.87
C SER A 127 -15.42 -41.59 -7.06
N ASP A 128 -14.29 -41.10 -6.57
CA ASP A 128 -14.24 -39.81 -5.91
C ASP A 128 -13.93 -38.66 -6.89
N ASP A 129 -13.72 -38.95 -8.17
CA ASP A 129 -13.40 -37.93 -9.15
C ASP A 129 -14.65 -37.26 -9.72
N THR A 130 -15.18 -36.31 -8.94
CA THR A 130 -16.45 -35.67 -9.28
C THR A 130 -16.37 -34.23 -9.72
N ALA A 131 -15.17 -33.67 -9.75
CA ALA A 131 -14.98 -32.33 -10.23
C ALA A 131 -15.25 -32.22 -11.75
N ARG A 132 -15.52 -31.02 -12.23
CA ARG A 132 -15.48 -30.74 -13.68
C ARG A 132 -14.01 -30.61 -14.07
N TRP A 133 -13.61 -31.24 -15.17
CA TRP A 133 -12.27 -31.04 -15.68
C TRP A 133 -12.32 -30.31 -17.01
N LEU A 134 -11.55 -29.21 -17.11
CA LEU A 134 -11.47 -28.42 -18.35
C LEU A 134 -10.04 -28.37 -18.82
N ARG A 135 -9.82 -28.80 -20.06
CA ARG A 135 -8.49 -28.80 -20.66
C ARG A 135 -8.18 -27.40 -21.17
N HIS A 136 -7.07 -26.84 -20.70
CA HIS A 136 -6.78 -25.46 -21.03
C HIS A 136 -6.10 -25.35 -22.40
N ASP A 137 -5.20 -26.28 -22.72
CA ASP A 137 -4.52 -26.22 -24.01
C ASP A 137 -5.25 -27.10 -25.03
N SER A 138 -6.56 -26.95 -25.10
CA SER A 138 -7.35 -27.76 -26.00
C SER A 138 -7.47 -27.09 -27.36
N ALA A 139 -8.07 -27.82 -28.29
CA ALA A 139 -8.62 -27.20 -29.49
C ALA A 139 -9.67 -26.20 -29.02
N PRO A 140 -9.76 -25.05 -29.69
CA PRO A 140 -10.58 -23.95 -29.18
C PRO A 140 -12.07 -24.29 -29.00
N GLN A 141 -12.56 -25.22 -29.79
CA GLN A 141 -13.97 -25.61 -29.78
C GLN A 141 -14.25 -26.85 -28.90
N ASP A 142 -13.20 -27.48 -28.36
CA ASP A 142 -13.30 -28.64 -27.47
C ASP A 142 -14.32 -28.35 -26.40
N PRO A 143 -15.42 -29.15 -26.35
CA PRO A 143 -16.48 -28.83 -25.40
C PRO A 143 -16.07 -29.11 -23.95
N ASP A 144 -15.04 -29.93 -23.74
CA ASP A 144 -14.44 -30.07 -22.42
C ASP A 144 -13.22 -29.16 -22.27
N GLY A 145 -13.17 -28.07 -23.03
CA GLY A 145 -12.02 -27.17 -22.98
C GLY A 145 -12.31 -25.87 -22.28
N TYR A 146 -11.25 -25.19 -21.87
CA TYR A 146 -11.37 -23.89 -21.21
C TYR A 146 -12.02 -22.82 -22.11
N GLU A 147 -11.58 -22.74 -23.36
CA GLU A 147 -12.03 -21.66 -24.24
C GLU A 147 -13.54 -21.76 -24.55
N ALA A 148 -14.05 -22.97 -24.81
CA ALA A 148 -15.50 -23.13 -25.02
C ALA A 148 -16.29 -22.87 -23.74
N PHE A 149 -15.75 -23.27 -22.60
CA PHE A 149 -16.45 -22.97 -21.35
C PHE A 149 -16.57 -21.45 -21.19
N LEU A 150 -15.48 -20.75 -21.45
CA LEU A 150 -15.45 -19.30 -21.25
C LEU A 150 -16.36 -18.60 -22.26
N ALA A 151 -16.29 -19.02 -23.52
CA ALA A 151 -17.07 -18.37 -24.60
C ALA A 151 -18.56 -18.48 -24.38
N ALA A 152 -19.01 -19.45 -23.60
CA ALA A 152 -20.44 -19.56 -23.28
C ALA A 152 -20.90 -18.57 -22.22
N GLY A 153 -19.98 -17.87 -21.56
CA GLY A 153 -20.35 -16.86 -20.56
C GLY A 153 -20.69 -15.55 -21.21
N GLY A 154 -21.51 -14.76 -20.54
CA GLY A 154 -21.91 -13.42 -21.02
C GLY A 154 -20.95 -12.32 -20.56
N LEU A 155 -21.07 -11.14 -21.17
CA LEU A 155 -20.13 -10.04 -20.94
C LEU A 155 -20.35 -9.29 -19.66
N ALA A 156 -21.52 -9.43 -19.05
CA ALA A 156 -21.83 -8.61 -17.87
C ALA A 156 -20.88 -8.94 -16.70
N ASP A 157 -20.48 -7.91 -15.97
CA ASP A 157 -19.70 -8.08 -14.77
C ASP A 157 -20.62 -8.60 -13.67
N PRO A 158 -20.21 -9.66 -12.96
CA PRO A 158 -21.06 -10.23 -11.89
C PRO A 158 -21.40 -9.25 -10.79
N ASP A 159 -20.48 -8.34 -10.47
CA ASP A 159 -20.85 -7.18 -9.65
C ASP A 159 -21.20 -7.54 -8.22
N LEU A 160 -20.51 -8.52 -7.66
CA LEU A 160 -20.81 -8.98 -6.32
C LEU A 160 -20.00 -8.20 -5.31
N ASP A 161 -20.49 -8.11 -4.09
CA ASP A 161 -19.71 -7.50 -3.01
C ASP A 161 -18.83 -8.55 -2.35
N ILE A 162 -17.60 -8.64 -2.78
CA ILE A 162 -16.72 -9.69 -2.34
C ILE A 162 -15.85 -9.16 -1.24
N ASP A 163 -15.68 -9.96 -0.19
CA ASP A 163 -14.85 -9.62 0.96
C ASP A 163 -13.36 -9.84 0.61
N PRO A 164 -12.56 -8.78 0.60
CA PRO A 164 -11.15 -8.93 0.21
C PRO A 164 -10.30 -9.79 1.13
N ASP A 165 -10.77 -10.05 2.36
CA ASP A 165 -10.07 -10.98 3.22
C ASP A 165 -10.27 -12.43 2.82
N SER A 166 -11.18 -12.66 1.88
CA SER A 166 -11.43 -14.01 1.45
C SER A 166 -10.26 -14.48 0.58
N PRO A 167 -9.84 -15.75 0.74
CA PRO A 167 -8.79 -16.22 -0.11
C PRO A 167 -9.13 -16.15 -1.58
N VAL A 168 -8.11 -15.92 -2.40
CA VAL A 168 -8.24 -15.99 -3.84
C VAL A 168 -7.15 -16.82 -4.52
N LEU A 169 -5.97 -16.88 -3.90
CA LEU A 169 -4.86 -17.68 -4.43
C LEU A 169 -4.39 -18.63 -3.37
N VAL A 170 -4.16 -19.87 -3.79
CA VAL A 170 -3.74 -20.91 -2.86
C VAL A 170 -2.46 -21.53 -3.39
N LEU A 171 -1.43 -21.55 -2.57
CA LEU A 171 -0.15 -22.08 -3.00
C LEU A 171 0.35 -23.12 -2.01
N TYR A 172 0.68 -24.29 -2.53
CA TYR A 172 1.15 -25.37 -1.70
C TYR A 172 2.61 -25.15 -1.29
N THR A 173 2.86 -25.37 0.00
CA THR A 173 4.15 -25.20 0.60
C THR A 173 4.61 -26.48 1.31
N ALA A 174 5.86 -26.88 1.04
CA ALA A 174 6.51 -28.03 1.72
C ALA A 174 7.36 -27.58 2.89
N ARG A 179 5.11 -33.18 4.13
CA ARG A 179 3.71 -32.77 4.35
C ARG A 179 3.38 -31.42 3.68
N GLN A 180 2.61 -31.47 2.59
CA GLN A 180 2.25 -30.24 1.87
C GLN A 180 1.00 -29.57 2.42
N CYS A 181 1.04 -28.25 2.54
CA CYS A 181 -0.08 -27.47 3.05
C CYS A 181 -0.40 -26.29 2.12
N GLY A 182 -1.68 -26.06 1.83
CA GLY A 182 -2.08 -24.98 0.95
C GLY A 182 -2.25 -23.64 1.68
N SER A 183 -1.34 -22.71 1.47
CA SER A 183 -1.43 -21.39 2.11
C SER A 183 -2.47 -20.53 1.40
N LEU A 184 -3.42 -20.00 2.15
CA LEU A 184 -4.52 -19.21 1.60
C LEU A 184 -4.19 -17.69 1.54
N LEU A 185 -4.00 -17.16 0.34
CA LEU A 185 -3.70 -15.72 0.20
C LEU A 185 -4.94 -14.95 -0.27
N SER A 186 -5.31 -13.92 0.49
CA SER A 186 -6.50 -13.12 0.18
C SER A 186 -6.21 -12.05 -0.87
N HIS A 187 -7.26 -11.35 -1.30
CA HIS A 187 -7.11 -10.21 -2.19
C HIS A 187 -6.23 -9.19 -1.51
N THR A 188 -6.54 -8.91 -0.25
CA THR A 188 -5.77 -7.98 0.56
C THR A 188 -4.32 -8.38 0.67
N ASN A 189 -4.03 -9.65 0.92
CA ASN A 189 -2.65 -10.10 1.03
C ASN A 189 -1.92 -9.78 -0.29
N LEU A 190 -2.52 -10.12 -1.43
CA LEU A 190 -1.83 -9.96 -2.69
C LEU A 190 -1.61 -8.48 -3.07
N ILE A 191 -2.62 -7.65 -2.82
CA ILE A 191 -2.54 -6.25 -3.10
C ILE A 191 -1.55 -5.56 -2.20
N ALA A 192 -1.51 -5.90 -0.91
CA ALA A 192 -0.48 -5.38 -0.03
C ALA A 192 0.92 -5.82 -0.46
N ALA A 194 1.72 -6.57 -3.52
CA ALA A 194 2.01 -5.92 -4.80
C ALA A 194 2.34 -4.46 -4.60
N THR A 195 1.64 -3.82 -3.69
CA THR A 195 1.87 -2.42 -3.41
C THR A 195 3.29 -2.21 -2.85
N ALA A 196 3.66 -3.00 -1.86
CA ALA A 196 5.03 -2.92 -1.33
C ALA A 196 6.06 -3.24 -2.40
N ALA A 197 5.81 -4.22 -3.25
CA ALA A 197 6.75 -4.55 -4.32
C ALA A 197 6.92 -3.43 -5.33
N ALA A 198 5.83 -2.70 -5.61
CA ALA A 198 5.89 -1.58 -6.52
C ALA A 198 6.80 -0.49 -5.99
N TRP A 199 6.79 -0.26 -4.68
CA TRP A 199 7.70 0.68 -4.05
C TRP A 199 9.16 0.17 -4.09
N LEU A 200 9.37 -1.11 -3.79
CA LEU A 200 10.69 -1.72 -3.81
C LEU A 200 11.35 -1.63 -5.14
N GLY A 201 10.59 -1.93 -6.19
CA GLY A 201 11.17 -2.08 -7.51
C GLY A 201 10.85 -0.93 -8.47
N ASP A 202 10.16 0.10 -8.01
CA ASP A 202 9.76 1.24 -8.84
C ASP A 202 8.99 0.79 -10.10
N ILE A 203 7.91 0.06 -9.85
CA ILE A 203 7.09 -0.57 -10.89
C ILE A 203 5.99 0.42 -11.25
N ASP A 204 5.68 0.52 -12.53
CA ASP A 204 4.57 1.35 -12.96
C ASP A 204 3.90 0.81 -14.20
N HIS A 205 3.06 1.62 -14.84
CA HIS A 205 2.36 1.19 -16.04
C HIS A 205 3.26 0.88 -17.24
N THR A 206 4.53 1.28 -17.23
CA THR A 206 5.45 0.98 -18.33
C THR A 206 6.23 -0.33 -18.11
N THR A 207 6.10 -0.92 -16.92
CA THR A 207 6.75 -2.20 -16.64
C THR A 207 6.21 -3.26 -17.58
N ALA A 208 7.11 -4.01 -18.20
CA ALA A 208 6.80 -5.20 -18.95
C ALA A 208 7.59 -6.34 -18.33
N PHE A 209 6.88 -7.24 -17.64
CA PHE A 209 7.51 -8.35 -16.86
C PHE A 209 7.34 -9.68 -17.56
N LEU A 210 8.46 -10.37 -17.80
CA LEU A 210 8.41 -11.74 -18.33
C LEU A 210 8.27 -12.75 -17.20
N ASN A 211 7.16 -13.49 -17.24
CA ASN A 211 6.72 -14.41 -16.18
C ASN A 211 7.43 -15.72 -16.39
N SER A 212 8.72 -15.73 -16.10
CA SER A 212 9.56 -16.89 -16.35
C SER A 212 9.88 -17.67 -15.05
N GLY A 213 9.30 -17.25 -13.93
CA GLY A 213 9.34 -18.02 -12.68
C GLY A 213 8.08 -18.83 -12.55
N PRO A 214 8.13 -19.89 -11.74
CA PRO A 214 6.95 -20.76 -11.67
C PRO A 214 5.83 -20.15 -10.83
N PHE A 216 3.44 -21.68 -9.45
CA PHE A 216 3.17 -22.46 -8.25
C PHE A 216 3.93 -21.96 -7.00
N HIS A 217 4.84 -20.99 -7.15
CA HIS A 217 5.57 -20.39 -6.03
C HIS A 217 5.24 -18.92 -6.01
N ILE A 218 5.37 -18.33 -4.83
CA ILE A 218 5.02 -16.95 -4.60
C ILE A 218 5.96 -15.97 -5.34
N GLY A 219 7.19 -16.39 -5.59
CA GLY A 219 8.23 -15.51 -6.14
C GLY A 219 7.82 -14.74 -7.40
N ASN A 220 7.34 -15.45 -8.40
CA ASN A 220 6.96 -14.87 -9.70
C ASN A 220 5.78 -13.90 -9.55
N HIS A 221 4.89 -14.18 -8.61
CA HIS A 221 3.81 -13.32 -8.29
C HIS A 221 4.30 -12.02 -7.63
N GLN A 222 5.27 -12.15 -6.72
CA GLN A 222 5.73 -10.98 -5.98
C GLN A 222 6.61 -10.07 -6.84
N PHE A 223 7.53 -10.69 -7.55
CA PHE A 223 8.54 -10.02 -8.32
C PHE A 223 8.49 -10.62 -9.71
N TRP A 224 7.56 -10.19 -10.56
CA TRP A 224 6.82 -8.96 -10.45
C TRP A 224 5.42 -9.06 -11.09
N GLY A 225 4.89 -10.26 -11.17
CA GLY A 225 3.60 -10.50 -11.76
C GLY A 225 2.51 -9.64 -11.21
N PRO A 227 2.57 -6.95 -8.85
CA PRO A 227 2.72 -5.48 -8.95
C PRO A 227 2.53 -4.90 -10.36
N THR A 228 2.95 -5.64 -11.36
CA THR A 228 2.80 -5.22 -12.72
C THR A 228 1.30 -5.15 -13.07
N LEU A 229 0.56 -6.16 -12.66
CA LEU A 229 -0.88 -6.15 -12.85
C LEU A 229 -1.50 -4.98 -12.11
N LEU A 230 -1.12 -4.79 -10.87
CA LEU A 230 -1.66 -3.72 -10.09
C LEU A 230 -1.41 -2.35 -10.75
N ALA A 232 -0.88 -1.74 -13.86
CA ALA A 232 -1.42 -1.74 -15.21
C ALA A 232 -0.35 -1.95 -16.28
N GLY A 233 0.77 -2.53 -15.88
CA GLY A 233 1.84 -2.84 -16.82
C GLY A 233 1.53 -4.09 -17.58
N LYS A 234 2.50 -4.61 -18.33
CA LYS A 234 2.25 -5.72 -19.23
C LYS A 234 2.89 -7.00 -18.71
N ASN A 235 2.10 -8.06 -18.56
CA ASN A 235 2.63 -9.36 -18.15
C ASN A 235 2.78 -10.26 -19.37
N VAL A 236 4.01 -10.70 -19.62
CA VAL A 236 4.29 -11.62 -20.70
C VAL A 236 4.55 -13.01 -20.13
N ILE A 237 3.88 -14.02 -20.69
CA ILE A 237 3.96 -15.38 -20.17
C ILE A 237 4.81 -16.27 -21.05
N VAL A 238 5.60 -17.13 -20.43
CA VAL A 238 6.25 -18.25 -21.10
C VAL A 238 5.99 -19.52 -20.32
N ARG A 239 5.89 -20.61 -21.07
CA ARG A 239 5.45 -21.87 -20.56
C ARG A 239 6.62 -22.54 -19.86
N ARG A 240 7.78 -22.48 -20.48
CA ARG A 240 8.99 -23.04 -19.93
C ARG A 240 10.09 -22.05 -20.25
N VAL A 241 11.28 -22.32 -19.75
CA VAL A 241 12.38 -21.40 -19.83
C VAL A 241 13.43 -21.97 -20.73
N VAL A 242 13.43 -21.52 -21.98
CA VAL A 242 14.41 -21.93 -22.96
C VAL A 242 15.15 -20.66 -23.30
N ALA A 243 16.47 -20.66 -23.10
CA ALA A 243 17.26 -19.45 -23.28
C ALA A 243 16.95 -18.67 -24.58
N GLU A 244 16.93 -19.36 -25.72
CA GLU A 244 16.68 -18.69 -26.99
C GLU A 244 15.30 -17.99 -27.02
N GLU A 245 14.27 -18.71 -26.58
CA GLU A 245 12.92 -18.13 -26.61
C GLU A 245 12.80 -16.91 -25.68
N VAL A 246 13.41 -17.02 -24.50
CA VAL A 246 13.42 -15.91 -23.53
C VAL A 246 14.12 -14.68 -24.12
N ARG A 247 15.26 -14.90 -24.77
CA ARG A 247 15.97 -13.78 -25.38
C ARG A 247 15.07 -13.09 -26.44
N ASP A 248 14.41 -13.86 -27.30
CA ASP A 248 13.54 -13.28 -28.35
C ASP A 248 12.34 -12.53 -27.73
N LEU A 249 11.75 -13.09 -26.68
CA LEU A 249 10.67 -12.39 -25.98
C LEU A 249 11.12 -11.11 -25.28
N LEU A 250 12.30 -11.13 -24.67
CA LEU A 250 12.83 -9.92 -24.03
C LEU A 250 12.95 -8.76 -25.02
N VAL A 251 13.40 -9.06 -26.23
CA VAL A 251 13.51 -8.06 -27.29
C VAL A 251 12.15 -7.71 -27.90
N ALA A 252 11.39 -8.72 -28.34
CA ALA A 252 10.12 -8.46 -29.05
C ALA A 252 9.08 -7.76 -28.16
N GLU A 253 9.01 -8.16 -26.89
CA GLU A 253 8.11 -7.47 -25.95
C GLU A 253 8.72 -6.32 -25.13
N GLU A 254 9.99 -5.98 -25.39
CA GLU A 254 10.66 -4.86 -24.73
C GLU A 254 10.50 -4.94 -23.21
N CYS A 255 10.92 -6.09 -22.68
CA CYS A 255 10.71 -6.39 -21.28
C CYS A 255 11.63 -5.56 -20.41
N THR A 256 11.09 -5.01 -19.33
CA THR A 256 11.89 -4.27 -18.36
C THR A 256 12.32 -5.16 -17.20
N HIS A 257 11.60 -6.26 -16.98
CA HIS A 257 11.83 -7.13 -15.84
C HIS A 257 11.58 -8.57 -16.23
N ALA A 258 12.29 -9.47 -15.58
CA ALA A 258 12.08 -10.88 -15.80
C ALA A 258 12.65 -11.67 -14.61
N PHE A 259 12.11 -12.88 -14.43
CA PHE A 259 12.51 -13.83 -13.38
C PHE A 259 13.53 -14.79 -13.96
N LEU A 260 14.81 -14.47 -13.78
CA LEU A 260 15.89 -15.22 -14.43
C LEU A 260 17.03 -15.45 -13.47
N PRO A 262 20.76 -17.13 -12.18
CA PRO A 262 22.06 -17.04 -12.83
C PRO A 262 22.38 -18.07 -13.90
N PRO A 263 22.09 -19.36 -13.68
CA PRO A 263 22.43 -20.27 -14.79
C PRO A 263 21.73 -19.88 -16.09
N THR A 264 20.47 -19.45 -16.01
CA THR A 264 19.74 -19.05 -17.21
C THR A 264 20.31 -17.78 -17.78
N VAL A 265 20.68 -16.85 -16.91
CA VAL A 265 21.32 -15.62 -17.36
C VAL A 265 22.57 -15.92 -18.18
N ALA A 266 23.40 -16.86 -17.75
CA ALA A 266 24.67 -17.09 -18.48
C ALA A 266 24.41 -17.78 -19.83
N GLU A 267 23.43 -18.69 -19.89
CA GLU A 267 22.98 -19.26 -21.17
C GLU A 267 22.57 -18.16 -22.16
N ILE A 268 21.69 -17.27 -21.69
CA ILE A 268 21.22 -16.15 -22.51
C ILE A 268 22.38 -15.30 -22.98
N VAL A 269 23.25 -14.93 -22.06
CA VAL A 269 24.41 -14.08 -22.38
C VAL A 269 25.32 -14.69 -23.46
N ARG A 270 25.65 -15.96 -23.31
CA ARG A 270 26.52 -16.61 -24.28
C ARG A 270 25.81 -16.64 -25.63
N LEU A 271 24.51 -16.88 -25.61
CA LEU A 271 23.68 -16.98 -26.80
C LEU A 271 23.60 -15.67 -27.55
N ASN A 272 23.67 -14.57 -26.82
CA ASN A 272 23.46 -13.23 -27.37
C ASN A 272 24.73 -12.48 -27.73
N ARG A 273 25.86 -13.01 -27.25
CA ARG A 273 27.16 -12.39 -27.49
C ARG A 273 27.36 -12.14 -28.99
N ASP A 274 27.65 -10.89 -29.33
CA ASP A 274 27.91 -10.43 -30.71
C ASP A 274 26.79 -10.71 -31.72
N THR A 275 25.54 -10.75 -31.26
CA THR A 275 24.40 -10.82 -32.18
C THR A 275 23.78 -9.44 -32.42
N GLY A 276 24.18 -8.45 -31.63
CA GLY A 276 23.55 -7.13 -31.69
C GLY A 276 22.09 -7.04 -31.22
N HIS A 277 21.49 -8.13 -30.73
CA HIS A 277 20.14 -8.05 -30.15
C HIS A 277 20.17 -7.28 -28.85
N ASP A 278 19.27 -6.31 -28.72
CA ASP A 278 19.35 -5.26 -27.70
C ASP A 278 18.53 -5.57 -26.42
N LEU A 279 19.23 -5.91 -25.33
CA LEU A 279 18.58 -6.32 -24.06
C LEU A 279 18.69 -5.24 -22.99
N SER A 280 19.05 -4.03 -23.41
CA SER A 280 19.32 -2.94 -22.51
C SER A 280 18.09 -2.45 -21.73
N ARG A 281 16.87 -2.65 -22.25
CA ARG A 281 15.64 -2.29 -21.52
CA ARG A 281 15.65 -2.26 -21.49
C ARG A 281 15.48 -3.14 -20.24
N LEU A 282 15.96 -4.38 -20.29
CA LEU A 282 15.89 -5.25 -19.13
C LEU A 282 16.67 -4.68 -17.94
N ARG A 283 15.99 -4.56 -16.81
CA ARG A 283 16.61 -4.14 -15.57
C ARG A 283 16.94 -5.35 -14.72
N ALA A 284 18.20 -5.79 -14.79
CA ALA A 284 18.65 -6.97 -14.08
C ALA A 284 18.74 -6.73 -12.58
N THR A 285 18.01 -7.55 -11.83
CA THR A 285 17.99 -7.51 -10.38
C THR A 285 18.91 -8.56 -9.80
N VAL A 286 18.90 -9.74 -10.39
CA VAL A 286 19.70 -10.84 -9.88
C VAL A 286 20.96 -10.99 -10.71
N ALA A 287 22.10 -11.06 -10.02
CA ALA A 287 23.43 -11.28 -10.64
C ALA A 287 23.72 -10.31 -11.79
N PRO A 288 23.48 -9.01 -11.57
CA PRO A 288 23.61 -8.03 -12.65
C PRO A 288 24.99 -8.06 -13.37
N HIS A 289 26.07 -8.16 -12.60
CA HIS A 289 27.43 -8.35 -13.16
C HIS A 289 27.50 -9.45 -14.27
N LEU A 290 26.71 -10.51 -14.12
CA LEU A 290 26.77 -11.64 -15.04
C LEU A 290 26.24 -11.33 -16.43
N TRP A 291 25.41 -10.29 -16.52
CA TRP A 291 24.90 -9.86 -17.81
C TRP A 291 25.97 -9.21 -18.69
N GLU A 292 27.09 -8.81 -18.11
CA GLU A 292 28.22 -8.25 -18.88
C GLU A 292 27.80 -7.04 -19.73
N GLY A 293 27.07 -6.10 -19.11
CA GLY A 293 26.64 -4.89 -19.79
C GLY A 293 25.50 -5.03 -20.83
N ALA A 295 22.38 -6.01 -20.27
CA ALA A 295 21.17 -5.50 -19.64
C ALA A 295 21.57 -4.38 -18.72
N THR A 296 20.63 -3.50 -18.41
CA THR A 296 20.90 -2.41 -17.48
C THR A 296 20.85 -2.94 -16.06
N THR A 297 21.78 -2.54 -15.23
CA THR A 297 21.75 -2.96 -13.83
C THR A 297 20.63 -2.15 -13.15
N ASP A 298 19.69 -2.86 -12.52
CA ASP A 298 18.56 -2.21 -11.85
C ASP A 298 19.10 -1.31 -10.75
N THR A 299 18.52 -0.13 -10.60
CA THR A 299 18.89 0.82 -9.55
C THR A 299 17.75 1.13 -8.59
N SER A 300 16.65 0.39 -8.68
CA SER A 300 15.60 0.45 -7.65
C SER A 300 16.18 0.00 -6.34
N ARG A 301 15.46 0.32 -5.28
CA ARG A 301 15.85 -0.01 -3.91
C ARG A 301 16.05 -1.51 -3.72
N PHE A 302 15.29 -2.29 -4.46
CA PHE A 302 15.31 -3.73 -4.35
C PHE A 302 16.70 -4.25 -4.60
N THR A 303 17.33 -3.72 -5.65
CA THR A 303 18.68 -4.14 -6.00
C THR A 303 19.77 -3.43 -5.21
N ARG A 304 19.67 -2.11 -5.12
CA ARG A 304 20.64 -1.30 -4.43
C ARG A 304 20.84 -1.75 -2.99
N SER A 305 19.76 -2.12 -2.30
CA SER A 305 19.84 -2.51 -0.88
C SER A 305 20.47 -3.88 -0.63
N GLY A 306 20.59 -4.73 -1.65
CA GLY A 306 20.99 -6.12 -1.42
C GLY A 306 19.80 -7.09 -1.30
N ALA A 307 18.59 -6.57 -1.23
CA ALA A 307 17.42 -7.45 -1.12
C ALA A 307 17.36 -8.47 -2.25
N ALA A 308 17.63 -8.01 -3.46
CA ALA A 308 17.58 -8.90 -4.62
C ALA A 308 18.66 -9.97 -4.59
N ALA A 309 19.77 -9.69 -3.93
CA ALA A 309 20.81 -10.71 -3.73
C ALA A 309 20.56 -11.60 -2.48
N GLY A 310 19.42 -11.44 -1.80
CA GLY A 310 19.06 -12.34 -0.68
C GLY A 310 19.02 -11.71 0.71
N ARG A 311 19.28 -10.41 0.82
CA ARG A 311 19.23 -9.76 2.11
C ARG A 311 17.78 -9.47 2.49
N GLY A 312 17.15 -10.50 3.04
CA GLY A 312 15.82 -10.42 3.57
C GLY A 312 15.33 -11.76 4.08
N TYR A 313 14.05 -11.83 4.42
CA TYR A 313 13.45 -13.04 4.95
C TYR A 313 11.99 -13.04 4.53
N GLY A 314 11.50 -14.20 4.16
CA GLY A 314 10.07 -14.36 3.99
C GLY A 314 9.65 -15.79 3.76
N GLN A 315 8.36 -15.97 3.51
CA GLN A 315 7.77 -17.27 3.20
C GLN A 315 6.40 -17.01 2.55
N THR A 316 5.86 -18.02 1.89
CA THR A 316 4.55 -17.92 1.27
C THR A 316 3.47 -17.33 2.17
N GLU A 317 3.51 -17.75 3.43
CA GLU A 317 2.52 -17.38 4.42
C GLU A 317 2.66 -15.91 4.87
N LEU A 318 3.75 -15.25 4.48
CA LEU A 318 3.88 -13.79 4.66
C LEU A 318 3.76 -13.05 3.32
N SER A 319 3.10 -13.69 2.37
CA SER A 319 2.98 -13.23 1.02
C SER A 319 4.35 -12.97 0.37
N GLY A 320 5.32 -13.82 0.70
CA GLY A 320 6.66 -13.74 0.12
C GLY A 320 7.72 -13.08 1.00
N PHE A 321 8.63 -12.36 0.34
CA PHE A 321 9.83 -11.72 0.91
C PHE A 321 9.41 -10.44 1.58
N ALA A 322 9.07 -10.54 2.85
CA ALA A 322 8.37 -9.47 3.56
C ALA A 322 9.26 -8.64 4.47
N VAL A 323 10.46 -9.13 4.71
CA VAL A 323 11.43 -8.44 5.53
C VAL A 323 12.66 -8.28 4.64
N THR A 324 13.16 -7.05 4.49
CA THR A 324 14.30 -6.85 3.57
C THR A 324 15.16 -5.72 4.02
N ALA A 325 16.38 -5.73 3.49
CA ALA A 325 17.34 -4.67 3.76
C ALA A 325 16.95 -3.37 3.07
N ALA A 326 15.98 -3.42 2.17
CA ALA A 326 15.46 -2.19 1.56
C ALA A 326 14.62 -1.36 2.52
N TYR A 327 14.10 -1.95 3.59
CA TYR A 327 13.27 -1.17 4.50
C TYR A 327 14.12 -0.71 5.69
N GLY A 328 14.34 0.59 5.81
CA GLY A 328 14.90 1.15 7.02
C GLY A 328 16.40 1.31 7.08
N GLY A 329 17.08 1.19 5.94
CA GLY A 329 18.47 1.58 5.90
C GLY A 329 19.47 0.46 6.23
N PRO A 330 20.70 0.84 6.58
CA PRO A 330 21.73 -0.18 6.79
C PRO A 330 21.34 -1.09 7.95
N ALA A 331 21.69 -2.35 7.81
CA ALA A 331 21.24 -3.34 8.77
C ALA A 331 22.38 -4.25 9.11
N ALA A 332 22.66 -4.42 10.40
CA ALA A 332 23.61 -5.42 10.85
C ALA A 332 23.08 -6.84 10.63
N GLY A 333 21.77 -7.03 10.70
CA GLY A 333 21.20 -8.36 10.53
C GLY A 333 21.02 -8.67 9.06
N ASN A 334 21.20 -9.94 8.72
CA ASN A 334 21.18 -10.41 7.33
C ASN A 334 19.81 -10.27 6.61
N ALA A 335 18.76 -9.94 7.35
CA ALA A 335 17.43 -9.86 6.74
C ALA A 335 16.81 -8.45 6.68
N GLY A 336 17.36 -7.50 7.41
CA GLY A 336 16.88 -6.14 7.34
C GLY A 336 15.72 -5.96 8.28
N ARG A 337 14.67 -5.30 7.79
CA ARG A 337 13.52 -4.92 8.63
C ARG A 337 12.18 -5.16 7.90
N PRO A 338 11.11 -5.27 8.66
CA PRO A 338 9.83 -5.54 8.03
C PRO A 338 9.32 -4.39 7.18
N GLY A 339 8.67 -4.72 6.08
CA GLY A 339 8.07 -3.71 5.25
C GLY A 339 6.83 -3.18 5.93
N PRO A 340 6.24 -2.12 5.39
CA PRO A 340 5.03 -1.59 6.03
C PRO A 340 3.86 -2.58 5.94
N GLY A 341 2.98 -2.54 6.92
CA GLY A 341 1.92 -3.56 7.03
C GLY A 341 2.42 -4.92 7.54
N LEU A 342 3.52 -4.89 8.29
CA LEU A 342 4.05 -6.10 8.91
C LEU A 342 4.72 -5.73 10.20
N THR A 343 4.33 -6.36 11.28
CA THR A 343 5.08 -6.23 12.51
C THR A 343 5.63 -7.63 12.83
N VAL A 344 6.86 -7.66 13.31
CA VAL A 344 7.55 -8.88 13.59
C VAL A 344 8.09 -8.91 15.01
N ARG A 345 7.88 -10.03 15.68
CA ARG A 345 8.46 -10.25 17.02
C ARG A 345 9.15 -11.60 17.06
N VAL A 346 10.28 -11.64 17.77
CA VAL A 346 10.96 -12.91 17.95
C VAL A 346 10.46 -13.47 19.29
N LEU A 347 9.73 -14.58 19.25
CA LEU A 347 9.14 -15.14 20.46
C LEU A 347 9.85 -16.41 20.95
N ASP A 348 10.05 -16.49 22.26
CA ASP A 348 10.61 -17.68 22.87
C ASP A 348 9.55 -18.79 22.97
N THR A 349 10.00 -19.95 23.41
CA THR A 349 9.17 -21.14 23.52
C THR A 349 7.88 -20.92 24.37
N ALA A 350 7.98 -20.08 25.40
CA ALA A 350 6.85 -19.72 26.25
C ALA A 350 5.92 -18.63 25.69
N GLY A 351 6.13 -18.19 24.44
CA GLY A 351 5.33 -17.09 23.88
C GLY A 351 5.77 -15.67 24.30
N ARG A 352 6.87 -15.54 25.04
CA ARG A 352 7.39 -14.25 25.46
CA ARG A 352 7.38 -14.24 25.45
C ARG A 352 8.43 -13.73 24.48
N GLU A 353 8.50 -12.41 24.33
CA GLU A 353 9.42 -11.77 23.40
C GLU A 353 10.87 -11.95 23.82
N CYS A 354 11.72 -12.43 22.90
CA CYS A 354 13.12 -12.60 23.18
C CYS A 354 13.84 -11.27 23.33
N ALA A 355 14.90 -11.29 24.13
CA ALA A 355 15.79 -10.17 24.28
C ALA A 355 16.61 -10.00 22.99
N VAL A 356 17.22 -8.85 22.83
CA VAL A 356 18.18 -8.61 21.74
C VAL A 356 19.27 -9.72 21.73
N GLY A 357 19.55 -10.31 20.57
CA GLY A 357 20.61 -11.35 20.48
C GLY A 357 20.14 -12.77 20.72
N GLU A 358 18.93 -12.94 21.23
CA GLU A 358 18.44 -14.25 21.60
C GLU A 358 17.58 -14.82 20.49
N ALA A 359 17.93 -16.03 20.07
CA ALA A 359 17.22 -16.72 19.05
C ALA A 359 15.86 -17.23 19.51
N GLY A 360 14.84 -17.02 18.67
CA GLY A 360 13.52 -17.52 18.91
C GLY A 360 12.76 -17.55 17.61
N GLU A 361 11.46 -17.81 17.70
CA GLU A 361 10.65 -18.02 16.52
C GLU A 361 10.19 -16.66 16.00
N ILE A 362 10.36 -16.48 14.70
CA ILE A 362 9.89 -15.30 14.00
C ILE A 362 8.35 -15.34 13.92
N CYS A 363 7.70 -14.38 14.56
CA CYS A 363 6.25 -14.28 14.50
C CYS A 363 5.80 -12.94 13.91
N ALA A 364 4.62 -12.92 13.30
CA ALA A 364 4.18 -11.77 12.50
C ALA A 364 2.69 -11.46 12.69
N ARG A 365 2.38 -10.17 12.65
CA ARG A 365 0.99 -9.70 12.44
C ARG A 365 1.02 -8.70 11.32
N GLY A 366 -0.10 -8.58 10.59
CA GLY A 366 -0.24 -7.54 9.60
C GLY A 366 -0.86 -8.00 8.31
N THR A 367 -0.88 -7.07 7.35
CA THR A 367 -1.71 -7.20 6.16
CA THR A 367 -1.69 -7.20 6.13
C THR A 367 -1.22 -8.29 5.20
N VAL A 368 0.07 -8.59 5.20
CA VAL A 368 0.58 -9.64 4.33
C VAL A 368 0.52 -11.05 4.93
N VAL A 369 0.06 -11.15 6.18
CA VAL A 369 -0.04 -12.46 6.81
C VAL A 369 -1.22 -13.21 6.20
N HIS A 370 -0.96 -14.42 5.74
CA HIS A 370 -1.98 -15.23 5.07
C HIS A 370 -3.16 -15.58 5.98
N ARG A 371 -4.18 -16.19 5.41
CA ARG A 371 -5.41 -16.49 6.14
C ARG A 371 -5.33 -17.81 6.88
N GLY A 372 -4.23 -18.54 6.74
CA GLY A 372 -4.13 -19.90 7.23
C GLY A 372 -3.96 -20.88 6.09
N TYR A 373 -3.75 -22.13 6.46
CA TYR A 373 -3.76 -23.21 5.51
C TYR A 373 -5.16 -23.74 5.30
N TRP A 374 -5.40 -24.22 4.08
CA TRP A 374 -6.64 -24.85 3.72
C TRP A 374 -6.74 -26.18 4.48
N ASN A 375 -7.90 -26.44 5.08
CA ASN A 375 -8.18 -27.71 5.71
C ASN A 375 -7.10 -28.17 6.67
N ARG A 376 -6.69 -27.28 7.56
CA ARG A 376 -5.72 -27.65 8.61
C ARG A 376 -6.16 -26.99 9.92
N ASP A 377 -7.32 -27.36 10.44
CA ASP A 377 -7.91 -26.66 11.59
C ASP A 377 -7.00 -26.62 12.81
N GLU A 378 -6.46 -27.77 13.21
CA GLU A 378 -5.54 -27.83 14.37
C GLU A 378 -4.22 -27.09 14.14
N VAL A 379 -3.58 -27.35 13.01
CA VAL A 379 -2.34 -26.63 12.73
C VAL A 379 -2.59 -25.11 12.77
N ASN A 380 -3.69 -24.63 12.17
CA ASN A 380 -3.99 -23.22 12.15
C ASN A 380 -4.21 -22.68 13.58
N ALA A 381 -4.98 -23.38 14.40
CA ALA A 381 -5.21 -22.90 15.76
C ALA A 381 -3.88 -22.77 16.49
N HIS A 382 -3.00 -23.74 16.30
CA HIS A 382 -1.72 -23.74 16.96
C HIS A 382 -0.77 -22.67 16.37
N ARG A 383 -0.67 -22.56 15.04
CA ARG A 383 0.29 -21.60 14.42
C ARG A 383 -0.17 -20.12 14.52
N PHE A 384 -1.44 -19.88 14.83
CA PHE A 384 -1.92 -18.53 15.09
C PHE A 384 -2.09 -18.21 16.60
N ARG A 385 -1.62 -19.08 17.48
CA ARG A 385 -1.88 -18.93 18.92
C ARG A 385 -1.43 -17.57 19.45
N SER A 386 -2.21 -17.01 20.39
CA SER A 386 -1.97 -15.67 20.97
C SER A 386 -2.01 -14.52 19.96
N GLY A 387 -2.67 -14.75 18.82
CA GLY A 387 -2.85 -13.70 17.82
C GLY A 387 -1.60 -13.33 17.05
N TRP A 388 -0.63 -14.23 16.99
CA TRP A 388 0.54 -14.04 16.13
C TRP A 388 0.66 -15.24 15.19
N TRP A 389 1.00 -15.00 13.92
CA TRP A 389 1.38 -16.07 13.02
C TRP A 389 2.80 -16.54 13.32
N HIS A 390 2.96 -17.84 13.54
CA HIS A 390 4.26 -18.44 13.88
C HIS A 390 4.83 -19.05 12.64
N THR A 391 6.02 -18.61 12.24
CA THR A 391 6.58 -18.97 10.93
C THR A 391 7.23 -20.34 10.91
N THR A 392 7.60 -20.85 12.07
CA THR A 392 8.53 -21.97 12.23
C THR A 392 9.92 -21.65 11.72
N ASP A 393 10.25 -20.36 11.62
CA ASP A 393 11.60 -19.95 11.28
C ASP A 393 12.19 -19.26 12.48
N LEU A 394 13.48 -19.49 12.66
CA LEU A 394 14.21 -19.03 13.82
C LEU A 394 14.98 -17.78 13.46
N GLY A 395 14.98 -16.78 14.35
CA GLY A 395 15.72 -15.55 14.07
C GLY A 395 16.11 -14.82 15.34
N ARG A 396 16.72 -13.63 15.22
CA ARG A 396 17.01 -12.76 16.35
C ARG A 396 17.03 -11.29 15.95
N ARG A 397 16.73 -10.42 16.91
CA ARG A 397 16.90 -9.01 16.70
C ARG A 397 18.32 -8.58 17.07
N GLU A 398 18.90 -7.71 16.24
CA GLU A 398 20.22 -7.16 16.50
C GLU A 398 20.02 -5.88 17.26
N PRO A 399 21.10 -5.35 17.88
CA PRO A 399 21.04 -4.09 18.63
C PRO A 399 20.56 -2.88 17.83
N ASP A 400 20.83 -2.87 16.53
CA ASP A 400 20.38 -1.74 15.68
C ASP A 400 18.88 -1.83 15.35
N GLY A 401 18.23 -2.93 15.74
CA GLY A 401 16.80 -3.13 15.50
C GLY A 401 16.51 -4.01 14.31
N SER A 402 17.53 -4.33 13.51
CA SER A 402 17.32 -5.16 12.33
C SER A 402 17.20 -6.63 12.74
N LEU A 403 16.83 -7.48 11.78
CA LEU A 403 16.59 -8.89 12.03
C LEU A 403 17.57 -9.81 11.28
N THR A 404 17.91 -10.92 11.93
CA THR A 404 18.69 -12.01 11.32
C THR A 404 17.84 -13.28 11.26
N PHE A 405 17.81 -13.89 10.09
CA PHE A 405 17.15 -15.20 9.85
C PHE A 405 18.22 -16.29 10.02
N LEU A 406 17.99 -17.24 10.93
CA LEU A 406 19.00 -18.29 11.21
C LEU A 406 18.72 -19.62 10.51
N GLY A 407 17.47 -19.97 10.36
CA GLY A 407 17.05 -21.22 9.72
C GLY A 407 15.69 -21.62 10.28
N THR A 408 15.35 -22.86 10.08
CA THR A 408 14.12 -23.42 10.56
C THR A 408 14.19 -23.84 12.05
N THR A 409 13.03 -23.83 12.70
CA THR A 409 12.82 -24.44 14.03
C THR A 409 12.35 -25.89 13.93
N THR A 410 12.15 -26.42 12.73
CA THR A 410 11.56 -27.75 12.59
C THR A 410 12.62 -28.86 12.81
N ARG A 411 13.89 -28.50 12.74
CA ARG A 411 14.96 -29.39 13.16
CA ARG A 411 14.95 -29.39 13.15
C ARG A 411 15.30 -29.03 14.59
N LEU A 413 17.26 -30.63 18.30
CA LEU A 413 17.90 -31.62 19.15
C LEU A 413 17.34 -31.48 20.56
N LYS A 414 17.37 -32.56 21.32
CA LYS A 414 17.10 -32.46 22.71
C LYS A 414 18.18 -33.20 23.45
N SER A 415 19.02 -32.40 24.12
CA SER A 415 20.12 -32.92 24.89
C SER A 415 19.75 -32.69 26.37
N ALA A 416 19.54 -33.81 27.07
CA ALA A 416 18.98 -33.81 28.44
C ALA A 416 17.74 -32.91 28.53
N ALA A 417 17.79 -31.85 29.34
CA ALA A 417 16.66 -30.95 29.56
C ALA A 417 16.55 -29.88 28.48
N GLU A 418 17.58 -29.76 27.63
CA GLU A 418 17.74 -28.57 26.79
C GLU A 418 17.34 -28.82 25.34
N ASN A 419 16.45 -27.98 24.82
CA ASN A 419 16.17 -27.94 23.38
C ASN A 419 17.21 -27.12 22.66
N ILE A 420 17.75 -27.65 21.58
CA ILE A 420 18.80 -26.97 20.86
C ILE A 420 18.36 -26.87 19.42
N PHE A 421 18.50 -25.68 18.85
CA PHE A 421 18.19 -25.51 17.44
C PHE A 421 19.50 -25.58 16.64
N PRO A 422 19.66 -26.66 15.85
CA PRO A 422 20.83 -26.82 14.99
C PRO A 422 21.09 -25.56 14.15
N ALA A 423 20.04 -24.93 13.61
CA ALA A 423 20.22 -23.76 12.77
C ALA A 423 20.93 -22.62 13.48
N GLU A 424 20.70 -22.46 14.79
CA GLU A 424 21.44 -21.45 15.52
C GLU A 424 22.94 -21.77 15.54
N VAL A 425 23.27 -23.05 15.72
CA VAL A 425 24.66 -23.49 15.85
C VAL A 425 25.31 -23.44 14.45
N GLU A 426 24.57 -23.84 13.45
CA GLU A 426 25.00 -23.74 12.05
C GLU A 426 25.35 -22.29 11.73
N ASN A 427 24.44 -21.36 12.01
CA ASN A 427 24.70 -19.95 11.72
C ASN A 427 25.97 -19.48 12.43
N CYS A 428 26.14 -19.87 13.68
CA CYS A 428 27.31 -19.48 14.45
C CYS A 428 28.59 -19.97 13.78
N ILE A 429 28.65 -21.25 13.47
CA ILE A 429 29.83 -21.86 12.82
C ILE A 429 30.08 -21.22 11.46
N GLU A 430 29.02 -20.96 10.70
CA GLU A 430 29.17 -20.30 9.40
C GLU A 430 29.71 -18.85 9.44
N GLN A 431 29.75 -18.21 10.61
CA GLN A 431 30.37 -16.88 10.72
C GLN A 431 31.93 -16.94 10.62
N HIS A 432 32.54 -18.07 10.97
CA HIS A 432 34.01 -18.25 10.80
C HIS A 432 34.41 -18.02 9.32
N PRO A 433 35.47 -17.24 9.07
CA PRO A 433 35.81 -16.92 7.66
C PRO A 433 36.24 -18.14 6.80
N ALA A 434 36.80 -19.16 7.45
CA ALA A 434 37.24 -20.40 6.81
C ALA A 434 36.12 -21.40 6.47
N VAL A 435 34.91 -21.18 6.98
CA VAL A 435 33.80 -22.10 6.79
C VAL A 435 32.93 -21.62 5.65
N ARG A 436 32.64 -22.52 4.70
CA ARG A 436 31.73 -22.23 3.61
CA ARG A 436 31.71 -22.20 3.63
C ARG A 436 30.29 -22.51 4.07
N GLU A 437 30.10 -23.70 4.66
CA GLU A 437 28.81 -24.21 5.09
C GLU A 437 28.95 -25.18 6.25
N ALA A 438 27.94 -25.27 7.10
CA ALA A 438 27.96 -26.22 8.22
C ALA A 438 26.56 -26.78 8.45
N ALA A 439 26.50 -28.08 8.69
CA ALA A 439 25.26 -28.74 9.08
C ALA A 439 25.48 -29.32 10.47
N VAL A 440 24.46 -29.18 11.32
CA VAL A 440 24.55 -29.68 12.70
C VAL A 440 23.55 -30.80 12.89
N ILE A 441 24.01 -31.93 13.39
CA ILE A 441 23.10 -33.04 13.71
C ILE A 441 23.21 -33.45 15.18
N GLY A 442 22.27 -34.31 15.61
CA GLY A 442 22.37 -34.96 16.91
C GLY A 442 22.78 -36.40 16.78
N VAL A 443 23.70 -36.85 17.64
CA VAL A 443 24.11 -38.25 17.66
C VAL A 443 23.73 -38.85 19.03
N PRO A 444 23.35 -40.15 19.08
CA PRO A 444 22.83 -40.70 20.33
C PRO A 444 23.79 -40.64 21.51
N ASN A 445 23.20 -40.48 22.68
CA ASN A 445 23.93 -40.49 23.92
C ASN A 445 23.04 -41.25 24.91
N THR A 446 23.58 -42.32 25.47
CA THR A 446 22.78 -43.27 26.26
C THR A 446 22.33 -42.70 27.60
N ARG A 447 23.04 -41.69 28.08
CA ARG A 447 22.64 -41.01 29.30
C ARG A 447 21.56 -39.97 28.99
N TRP A 448 21.83 -39.03 28.11
CA TRP A 448 20.91 -37.92 27.92
C TRP A 448 20.41 -37.73 26.48
N ALA A 449 20.12 -38.85 25.83
CA ALA A 449 19.51 -38.90 24.47
C ALA A 449 20.46 -38.47 23.33
N GLN A 450 20.86 -37.19 23.30
CA GLN A 450 21.68 -36.63 22.20
C GLN A 450 22.83 -35.72 22.60
N ASP A 451 23.92 -35.82 21.83
CA ASP A 451 25.00 -34.84 21.77
C ASP A 451 24.96 -34.13 20.40
N VAL A 452 25.64 -32.98 20.34
CA VAL A 452 25.64 -32.13 19.15
C VAL A 452 26.86 -32.54 18.34
N LYS A 453 26.65 -32.70 17.03
CA LYS A 453 27.74 -32.90 16.08
C LYS A 453 27.64 -31.95 14.88
N ALA A 454 28.79 -31.44 14.46
CA ALA A 454 28.86 -30.56 13.31
C ALA A 454 29.54 -31.24 12.13
N VAL A 455 28.95 -31.09 10.94
CA VAL A 455 29.61 -31.46 9.70
C VAL A 455 29.89 -30.18 8.90
N VAL A 456 31.17 -29.93 8.67
CA VAL A 456 31.65 -28.64 8.25
C VAL A 456 32.36 -28.73 6.89
N VAL A 457 32.00 -27.82 6.01
CA VAL A 457 32.57 -27.67 4.67
C VAL A 457 33.38 -26.36 4.65
N LEU A 458 34.69 -26.51 4.60
CA LEU A 458 35.61 -25.36 4.55
C LEU A 458 35.69 -24.73 3.19
N GLU A 459 36.06 -23.46 3.17
CA GLU A 459 36.49 -22.81 1.96
C GLU A 459 37.75 -23.55 1.50
N PRO A 460 37.98 -23.62 0.16
CA PRO A 460 39.11 -24.39 -0.36
C PRO A 460 40.49 -23.88 0.14
N ASP A 461 40.58 -22.57 0.35
CA ASP A 461 41.85 -21.91 0.72
C ASP A 461 42.07 -21.70 2.23
N ALA A 462 41.38 -22.42 3.11
CA ALA A 462 41.51 -22.15 4.55
C ALA A 462 41.71 -23.41 5.35
N GLY A 463 42.32 -23.27 6.53
CA GLY A 463 42.46 -24.36 7.48
C GLY A 463 41.94 -23.95 8.86
N VAL A 464 41.14 -24.83 9.46
CA VAL A 464 40.83 -24.79 10.90
C VAL A 464 40.64 -26.21 11.41
N SER A 465 40.77 -26.42 12.72
CA SER A 465 40.58 -27.74 13.32
C SER A 465 39.27 -27.86 14.10
N GLU A 466 38.92 -29.10 14.43
CA GLU A 466 37.76 -29.44 15.26
C GLU A 466 37.66 -28.51 16.49
N GLN A 467 38.79 -28.32 17.17
CA GLN A 467 38.86 -27.48 18.38
C GLN A 467 38.73 -25.97 18.09
N GLU A 468 39.29 -25.47 16.98
CA GLU A 468 39.11 -24.05 16.67
C GLU A 468 37.65 -23.72 16.56
N ILE A 469 36.92 -24.66 15.95
CA ILE A 469 35.49 -24.52 15.64
C ILE A 469 34.62 -24.62 16.89
N ILE A 470 34.98 -25.55 17.80
CA ILE A 470 34.36 -25.63 19.15
C ILE A 470 34.62 -24.32 19.94
N ASP A 471 35.89 -23.96 20.14
CA ASP A 471 36.27 -22.70 20.85
C ASP A 471 35.68 -21.44 20.20
N HIS A 472 35.45 -21.50 18.87
CA HIS A 472 34.80 -20.42 18.12
C HIS A 472 33.40 -20.17 18.60
N CYS A 473 32.70 -21.27 18.88
CA CYS A 473 31.35 -21.20 19.44
C CYS A 473 31.26 -20.59 20.88
N ARG A 474 32.26 -20.82 21.71
CA ARG A 474 32.22 -20.43 23.13
C ARG A 474 31.67 -19.01 23.40
N PRO A 475 32.22 -17.96 22.74
CA PRO A 475 31.82 -16.57 23.07
C PRO A 475 30.42 -16.10 22.62
N ARG A 476 29.75 -16.80 21.69
CA ARG A 476 28.36 -16.47 21.39
C ARG A 476 27.45 -17.50 22.03
N ILE A 477 27.40 -18.69 21.47
CA ILE A 477 26.34 -19.62 21.86
C ILE A 477 26.58 -20.25 23.22
N ALA A 478 25.50 -20.71 23.83
CA ALA A 478 25.54 -21.31 25.13
C ALA A 478 26.36 -22.62 25.06
N SER A 479 27.04 -22.91 26.14
CA SER A 479 27.97 -24.01 26.17
C SER A 479 27.32 -25.32 25.76
N TYR A 480 26.12 -25.59 26.29
CA TYR A 480 25.49 -26.85 25.96
C TYR A 480 25.14 -27.01 24.47
N LYS A 481 25.23 -25.93 23.69
CA LYS A 481 24.93 -25.97 22.25
C LYS A 481 26.15 -26.26 21.37
N LYS A 482 27.35 -26.06 21.88
CA LYS A 482 28.57 -26.31 21.10
C LYS A 482 28.64 -27.79 20.65
N PRO A 483 29.16 -28.04 19.45
CA PRO A 483 29.31 -29.45 19.05
C PRO A 483 30.30 -30.18 19.92
N LYS A 484 30.01 -31.42 20.22
CA LYS A 484 30.93 -32.29 20.95
C LYS A 484 31.99 -32.83 19.97
N SER A 485 31.62 -32.96 18.69
CA SER A 485 32.57 -33.34 17.63
C SER A 485 32.26 -32.62 16.31
N VAL A 486 33.29 -32.52 15.48
CA VAL A 486 33.18 -31.91 14.17
C VAL A 486 33.76 -32.89 13.17
N ALA A 487 33.04 -33.10 12.07
CA ALA A 487 33.56 -33.87 10.96
C ALA A 487 33.65 -32.91 9.81
N PHE A 488 34.75 -33.01 9.07
CA PHE A 488 34.96 -32.17 7.92
C PHE A 488 34.57 -32.92 6.64
N ALA A 489 33.97 -32.19 5.70
CA ALA A 489 33.45 -32.79 4.47
C ALA A 489 33.74 -31.88 3.27
N ALA A 490 33.82 -32.47 2.10
CA ALA A 490 34.18 -31.73 0.89
C ALA A 490 32.98 -30.92 0.44
N ALA A 491 31.80 -31.45 0.67
CA ALA A 491 30.56 -30.67 0.54
C ALA A 491 29.46 -31.42 1.27
N LEU A 492 28.32 -30.78 1.46
CA LEU A 492 27.20 -31.43 2.09
C LEU A 492 26.45 -32.28 1.08
N PRO A 493 25.98 -33.46 1.50
CA PRO A 493 25.04 -34.22 0.68
C PRO A 493 23.80 -33.43 0.43
N ARG A 494 23.28 -33.51 -0.78
CA ARG A 494 22.07 -32.82 -1.12
C ARG A 494 21.10 -33.77 -1.83
N THR A 495 19.86 -33.32 -1.93
CA THR A 495 18.83 -34.09 -2.62
C THR A 495 18.83 -33.76 -4.13
N VAL A 496 18.10 -34.56 -4.90
CA VAL A 496 17.89 -34.25 -6.32
C VAL A 496 17.37 -32.81 -6.55
N SER A 497 16.54 -32.28 -5.65
CA SER A 497 16.12 -30.88 -5.73
C SER A 497 17.23 -29.86 -5.36
N GLY A 498 18.40 -30.36 -4.93
CA GLY A 498 19.49 -29.51 -4.47
C GLY A 498 19.38 -29.00 -3.03
N ALA A 499 18.45 -29.55 -2.25
CA ALA A 499 18.28 -29.17 -0.82
C ALA A 499 19.17 -30.00 0.08
N ARG A 500 19.53 -29.47 1.25
CA ARG A 500 20.40 -30.22 2.18
C ARG A 500 19.79 -31.58 2.50
N ASP A 501 20.58 -32.64 2.50
CA ASP A 501 20.06 -33.98 2.77
C ASP A 501 20.39 -34.42 4.20
N TYR A 502 19.53 -34.00 5.13
CA TYR A 502 19.76 -34.33 6.53
C TYR A 502 19.68 -35.85 6.85
N ASP A 503 18.86 -36.61 6.12
CA ASP A 503 18.80 -38.08 6.36
C ASP A 503 20.12 -38.77 5.99
N ALA A 504 20.72 -38.33 4.86
CA ALA A 504 22.04 -38.86 4.47
C ALA A 504 23.13 -38.44 5.46
N LEU A 505 23.01 -37.23 6.03
CA LEU A 505 23.93 -36.82 7.10
C LEU A 505 23.82 -37.78 8.28
N ASP A 506 22.60 -38.03 8.74
CA ASP A 506 22.37 -38.95 9.87
C ASP A 506 22.96 -40.33 9.62
N LYS A 507 22.68 -40.86 8.43
CA LYS A 507 23.21 -42.17 8.00
C LYS A 507 24.74 -42.20 7.98
N GLU A 508 25.34 -41.21 7.35
CA GLU A 508 26.79 -41.16 7.22
C GLU A 508 27.49 -40.95 8.56
N TYR A 509 26.96 -40.05 9.40
CA TYR A 509 27.70 -39.63 10.61
C TYR A 509 27.10 -40.11 11.93
N GLY A 510 26.22 -41.10 11.90
CA GLY A 510 25.81 -41.77 13.15
C GLY A 510 24.79 -40.97 13.95
N GLY A 511 23.95 -40.24 13.23
CA GLY A 511 22.90 -39.44 13.84
C GLY A 511 21.73 -40.27 14.30
N GLY A 512 21.02 -39.75 15.32
CA GLY A 512 19.86 -40.40 15.90
C GLY A 512 19.56 -39.84 17.30
N GLY A 513 18.45 -40.29 17.87
CA GLY A 513 18.07 -39.96 19.25
C GLY A 513 17.28 -38.67 19.34
N TYR A 514 16.69 -38.27 18.21
CA TYR A 514 15.97 -37.01 18.10
C TYR A 514 14.67 -37.06 18.90
N PRO A 515 14.15 -35.90 19.31
CA PRO A 515 12.81 -35.81 19.88
C PRO A 515 11.73 -35.75 18.80
N ALA B 3 -5.32 -9.25 13.29
CA ALA B 3 -4.11 -10.14 13.18
C ALA B 3 -3.49 -10.06 11.78
N GLN B 4 -4.36 -10.06 10.78
CA GLN B 4 -3.91 -9.78 9.43
C GLN B 4 -4.21 -8.30 9.08
N HIS B 5 -4.24 -7.39 10.07
CA HIS B 5 -4.56 -5.97 9.76
C HIS B 5 -3.85 -4.88 10.52
N THR B 6 -3.05 -4.13 9.80
CA THR B 6 -2.24 -3.05 10.38
C THR B 6 -3.09 -1.86 10.79
N THR B 7 -2.81 -1.35 11.99
CA THR B 7 -3.34 -0.11 12.51
C THR B 7 -2.19 0.88 12.78
N ILE B 8 -2.55 2.13 13.10
CA ILE B 8 -1.57 3.13 13.44
C ILE B 8 -0.79 2.67 14.67
N GLY B 9 -1.45 2.00 15.61
CA GLY B 9 -0.75 1.46 16.77
C GLY B 9 0.38 0.51 16.37
N ASP B 10 0.09 -0.36 15.40
CA ASP B 10 1.08 -1.32 14.89
C ASP B 10 2.28 -0.67 14.26
N VAL B 11 2.10 0.47 13.61
CA VAL B 11 3.21 1.22 13.06
C VAL B 11 4.20 1.62 14.16
N LEU B 12 3.70 2.20 15.24
CA LEU B 12 4.58 2.64 16.31
C LEU B 12 5.26 1.47 17.04
N ARG B 13 4.54 0.37 17.25
CA ARG B 13 5.10 -0.80 17.92
C ARG B 13 6.24 -1.40 17.10
N GLU B 14 6.10 -1.41 15.78
CA GLU B 14 7.14 -1.92 14.94
C GLU B 14 8.33 -0.93 14.96
N HIS B 15 8.07 0.36 14.78
CA HIS B 15 9.16 1.31 14.76
C HIS B 15 9.98 1.34 16.03
N ARG B 16 9.36 1.17 17.19
CA ARG B 16 10.13 1.18 18.43
C ARG B 16 11.13 0.02 18.45
N ARG B 17 10.83 -1.06 17.74
CA ARG B 17 11.71 -2.24 17.68
C ARG B 17 12.74 -2.17 16.55
N SER B 18 12.30 -1.73 15.38
CA SER B 18 13.14 -1.67 14.20
C SER B 18 14.02 -0.44 14.15
N HIS B 19 13.58 0.65 14.76
CA HIS B 19 14.32 1.90 14.73
C HIS B 19 14.56 2.52 16.09
N PRO B 20 15.24 1.78 16.98
CA PRO B 20 15.33 2.22 18.37
C PRO B 20 16.06 3.55 18.56
N GLY B 21 16.99 3.89 17.66
CA GLY B 21 17.76 5.12 17.85
C GLY B 21 17.29 6.32 17.03
N ARG B 22 16.32 6.15 16.15
CA ARG B 22 15.97 7.22 15.21
C ARG B 22 15.00 8.22 15.82
N THR B 23 15.20 9.48 15.48
CA THR B 23 14.32 10.54 15.91
C THR B 23 13.01 10.54 15.11
N ALA B 24 11.91 10.55 15.85
CA ALA B 24 10.60 10.44 15.27
C ALA B 24 9.88 11.79 15.14
N LEU B 25 9.97 12.58 16.20
CA LEU B 25 9.32 13.87 16.30
C LEU B 25 10.23 14.91 16.92
N VAL B 26 10.15 16.13 16.39
CA VAL B 26 10.84 17.29 16.92
C VAL B 26 9.86 18.43 16.92
N ASP B 27 9.77 19.12 18.05
CA ASP B 27 8.90 20.26 18.20
C ASP B 27 9.49 21.21 19.23
N GLY B 28 10.13 22.28 18.75
CA GLY B 28 10.87 23.17 19.64
C GLY B 28 12.00 22.37 20.28
N PRO B 29 12.09 22.37 21.62
CA PRO B 29 13.11 21.60 22.32
C PRO B 29 12.74 20.12 22.54
N VAL B 30 11.51 19.74 22.23
CA VAL B 30 11.12 18.36 22.41
C VAL B 30 11.66 17.51 21.25
N ARG B 31 12.36 16.43 21.60
CA ARG B 31 12.86 15.47 20.63
C ARG B 31 12.55 14.05 21.10
N LEU B 32 11.89 13.25 20.27
CA LEU B 32 11.52 11.91 20.65
C LEU B 32 11.96 10.86 19.63
N THR B 33 12.65 9.83 20.12
CA THR B 33 12.91 8.65 19.34
C THR B 33 11.60 7.82 19.26
N TRP B 34 11.57 6.84 18.37
CA TRP B 34 10.40 5.95 18.27
C TRP B 34 10.03 5.24 19.58
N PRO B 35 11.01 4.70 20.34
CA PRO B 35 10.64 4.16 21.65
C PRO B 35 10.13 5.19 22.63
N GLU B 36 10.69 6.39 22.63
CA GLU B 36 10.25 7.44 23.53
C GLU B 36 8.83 7.90 23.15
N LEU B 37 8.57 8.05 21.85
CA LEU B 37 7.21 8.35 21.39
C LEU B 37 6.25 7.25 21.77
N ASP B 38 6.59 5.99 21.48
CA ASP B 38 5.65 4.92 21.79
C ASP B 38 5.40 4.82 23.32
N ASP B 39 6.44 5.06 24.11
CA ASP B 39 6.27 5.11 25.57
C ASP B 39 5.24 6.17 25.98
N ARG B 40 5.39 7.38 25.48
CA ARG B 40 4.45 8.45 25.78
C ARG B 40 3.04 8.11 25.28
N VAL B 41 2.96 7.55 24.08
CA VAL B 41 1.68 7.16 23.57
C VAL B 41 0.99 6.18 24.52
N ASN B 42 1.76 5.26 25.09
CA ASN B 42 1.21 4.28 26.00
C ASN B 42 0.72 4.89 27.30
N ARG B 43 1.48 5.83 27.85
CA ARG B 43 1.09 6.47 29.07
C ARG B 43 -0.19 7.23 28.79
N LEU B 44 -0.22 7.90 27.64
CA LEU B 44 -1.38 8.73 27.29
C LEU B 44 -2.60 7.84 27.11
N ALA B 45 -2.42 6.72 26.46
CA ALA B 45 -3.50 5.80 26.25
C ALA B 45 -3.98 5.25 27.59
N GLY B 46 -3.05 5.04 28.51
CA GLY B 46 -3.36 4.56 29.84
C GLY B 46 -4.24 5.54 30.58
N SER B 47 -3.85 6.81 30.60
CA SER B 47 -4.69 7.87 31.19
C SER B 47 -6.05 8.05 30.48
N LEU B 48 -6.06 8.01 29.16
CA LEU B 48 -7.31 8.10 28.46
C LEU B 48 -8.27 6.98 28.88
N ALA B 49 -7.78 5.74 28.91
CA ALA B 49 -8.60 4.58 29.28
C ALA B 49 -9.13 4.68 30.72
N ALA B 50 -8.26 5.13 31.65
CA ALA B 50 -8.67 5.28 33.03
C ALA B 50 -9.77 6.35 33.14
N SER B 51 -9.72 7.37 32.29
CA SER B 51 -10.76 8.41 32.31
C SER B 51 -12.03 7.96 31.57
N GLY B 52 -12.05 6.74 31.05
CA GLY B 52 -13.26 6.20 30.42
C GLY B 52 -13.28 6.24 28.89
N ILE B 53 -12.17 6.62 28.25
CA ILE B 53 -12.12 6.72 26.78
C ILE B 53 -11.86 5.33 26.21
N GLY B 54 -12.70 4.90 25.28
CA GLY B 54 -12.58 3.60 24.64
C GLY B 54 -13.03 3.64 23.20
N ARG B 55 -13.39 2.47 22.68
CA ARG B 55 -13.76 2.31 21.30
C ARG B 55 -14.92 3.26 20.94
N GLY B 56 -14.75 4.04 19.88
CA GLY B 56 -15.78 4.98 19.46
C GLY B 56 -15.79 6.33 20.18
N ASP B 57 -14.93 6.53 21.18
CA ASP B 57 -14.92 7.78 21.92
C ASP B 57 -14.10 8.84 21.19
N ARG B 58 -14.20 10.07 21.63
CA ARG B 58 -13.90 11.19 20.77
C ARG B 58 -13.12 12.22 21.54
N ILE B 59 -12.08 12.72 20.88
CA ILE B 59 -11.22 13.71 21.42
C ILE B 59 -11.08 14.83 20.42
N TRP B 61 -9.11 18.37 19.31
CA TRP B 61 -7.92 19.21 19.45
C TRP B 61 -8.24 20.62 18.97
N LEU B 62 -8.03 21.61 19.83
CA LEU B 62 -8.25 23.01 19.52
C LEU B 62 -6.93 23.74 19.71
N GLY B 63 -6.12 23.71 18.67
CA GLY B 63 -4.83 24.37 18.73
C GLY B 63 -4.13 24.38 17.41
N GLN B 64 -2.98 25.03 17.39
CA GLN B 64 -2.13 25.03 16.23
C GLN B 64 -1.41 23.67 16.16
N ASN B 65 -0.60 23.45 15.13
CA ASN B 65 0.17 22.22 15.01
C ASN B 65 1.03 22.00 16.27
N SER B 66 1.20 20.73 16.62
CA SER B 66 2.01 20.33 17.75
C SER B 66 2.32 18.86 17.60
N PHE B 67 3.44 18.45 18.18
CA PHE B 67 3.78 17.04 18.20
C PHE B 67 2.71 16.23 18.94
N ARG B 68 2.01 16.88 19.87
CA ARG B 68 0.97 16.18 20.63
C ARG B 68 -0.19 15.72 19.77
N VAL B 69 -0.35 16.32 18.60
CA VAL B 69 -1.42 15.85 17.68
C VAL B 69 -1.11 14.43 17.23
N TYR B 70 0.14 14.16 16.88
CA TYR B 70 0.55 12.81 16.52
C TYR B 70 0.40 11.89 17.71
N GLU B 71 0.78 12.36 18.90
CA GLU B 71 0.65 11.49 20.06
C GLU B 71 -0.79 11.10 20.29
N LEU B 72 -1.72 12.06 20.18
CA LEU B 72 -3.12 11.80 20.47
C LEU B 72 -3.73 10.87 19.44
N ILE B 73 -3.38 11.07 18.18
CA ILE B 73 -3.90 10.22 17.11
C ILE B 73 -3.48 8.80 17.38
N ALA B 74 -2.24 8.59 17.81
CA ALA B 74 -1.75 7.22 18.04
C ALA B 74 -2.33 6.61 19.31
N ALA B 75 -2.45 7.41 20.37
CA ALA B 75 -3.04 6.94 21.63
C ALA B 75 -4.49 6.58 21.45
N ALA B 76 -5.23 7.49 20.80
CA ALA B 76 -6.61 7.26 20.49
C ALA B 76 -6.71 6.02 19.66
N GLY B 77 -5.83 5.91 18.69
CA GLY B 77 -5.84 4.76 17.78
C GLY B 77 -5.62 3.44 18.50
N LYS B 78 -4.80 3.45 19.56
CA LYS B 78 -4.57 2.19 20.29
C LYS B 78 -5.80 1.75 21.10
N LEU B 79 -6.72 2.70 21.35
CA LEU B 79 -7.97 2.44 22.08
C LEU B 79 -9.15 2.31 21.17
N GLY B 80 -8.93 2.54 19.86
CA GLY B 80 -10.03 2.53 18.92
C GLY B 80 -10.90 3.80 19.03
N ALA B 81 -10.33 4.85 19.64
CA ALA B 81 -10.99 6.15 19.69
C ALA B 81 -10.56 7.02 18.52
N VAL B 83 -9.66 11.22 16.94
CA VAL B 83 -9.28 12.60 17.25
C VAL B 83 -9.74 13.51 16.11
N CYS B 84 -10.44 14.59 16.44
CA CYS B 84 -10.74 15.67 15.51
C CYS B 84 -9.72 16.75 15.66
N VAL B 85 -9.01 17.08 14.58
CA VAL B 85 -8.13 18.22 14.57
C VAL B 85 -8.92 19.43 14.07
N GLY B 86 -9.37 20.25 15.02
CA GLY B 86 -10.25 21.32 14.74
C GLY B 86 -9.48 22.50 14.21
N TYR B 87 -10.23 23.44 13.67
CA TYR B 87 -9.70 24.65 13.09
C TYR B 87 -9.48 25.66 14.20
N TRP B 88 -8.21 25.95 14.48
CA TRP B 88 -7.88 26.83 15.60
C TRP B 88 -8.36 28.25 15.43
N ARG B 89 -8.60 28.66 14.20
CA ARG B 89 -9.14 30.01 13.95
C ARG B 89 -10.66 30.14 14.12
N TRP B 90 -11.40 29.05 14.31
CA TRP B 90 -12.85 29.15 14.50
C TRP B 90 -13.21 30.26 15.47
N ALA B 91 -14.15 31.12 15.08
CA ALA B 91 -14.74 32.05 16.03
C ALA B 91 -15.71 31.28 16.97
N PRO B 92 -16.13 31.92 18.04
CA PRO B 92 -16.99 31.19 18.99
C PRO B 92 -18.25 30.47 18.39
N PRO B 93 -18.95 31.05 17.39
CA PRO B 93 -20.11 30.28 16.94
C PRO B 93 -19.74 28.98 16.25
N GLU B 94 -18.72 29.03 15.42
CA GLU B 94 -18.29 27.83 14.71
C GLU B 94 -17.65 26.81 15.66
N GLU B 96 -18.38 26.47 18.89
CA GLU B 96 -19.51 25.90 19.59
C GLU B 96 -20.22 24.85 18.75
N PHE B 97 -20.45 25.15 17.48
CA PHE B 97 -21.11 24.19 16.60
C PHE B 97 -20.33 22.91 16.49
N ALA B 98 -19.02 23.03 16.24
CA ALA B 98 -18.17 21.84 16.14
C ALA B 98 -18.16 21.05 17.47
N LEU B 99 -18.06 21.72 18.60
CA LEU B 99 -18.08 21.01 19.90
C LEU B 99 -19.41 20.31 20.12
N ARG B 100 -20.51 20.98 19.79
CA ARG B 100 -21.79 20.33 19.98
C ARG B 100 -21.98 19.16 19.00
N ASP B 101 -21.59 19.36 17.74
CA ASP B 101 -21.72 18.30 16.74
C ASP B 101 -20.87 17.07 17.10
N PHE B 102 -19.58 17.28 17.30
CA PHE B 102 -18.64 16.19 17.53
C PHE B 102 -18.75 15.61 18.95
N ASP B 103 -19.19 16.42 19.91
CA ASP B 103 -19.54 15.90 21.23
C ASP B 103 -18.38 15.11 21.83
N PRO B 104 -17.21 15.74 21.91
CA PRO B 104 -16.07 15.02 22.44
C PRO B 104 -16.17 14.74 23.93
N HIS B 105 -15.55 13.64 24.36
CA HIS B 105 -15.42 13.29 25.78
C HIS B 105 -14.25 14.07 26.36
N LEU B 106 -13.30 14.45 25.52
CA LEU B 106 -12.13 15.19 25.94
C LEU B 106 -11.75 16.25 24.92
N VAL B 107 -11.35 17.41 25.42
CA VAL B 107 -10.90 18.49 24.57
C VAL B 107 -9.52 18.93 25.01
N VAL B 108 -8.59 18.93 24.07
CA VAL B 108 -7.21 19.36 24.32
C VAL B 108 -7.05 20.68 23.60
N TRP B 109 -6.84 21.73 24.39
CA TRP B 109 -6.93 23.07 23.91
C TRP B 109 -5.63 23.82 24.16
N GLN B 110 -5.48 24.90 23.41
CA GLN B 110 -4.32 25.74 23.42
C GLN B 110 -4.71 27.11 23.96
N HIS B 111 -3.94 27.59 24.91
CA HIS B 111 -4.19 28.90 25.50
C HIS B 111 -3.60 29.98 24.61
N GLN B 112 -2.41 29.78 24.10
CA GLN B 112 -1.79 30.81 23.27
C GLN B 112 -2.65 31.17 22.05
N GLU B 113 -2.79 32.48 21.82
CA GLU B 113 -3.51 33.01 20.68
C GLU B 113 -5.04 32.94 20.77
N ILE B 114 -5.63 31.87 21.34
CA ILE B 114 -7.07 31.67 21.27
C ILE B 114 -7.82 31.50 22.57
N HIS B 115 -7.16 31.75 23.69
CA HIS B 115 -7.80 31.56 24.98
C HIS B 115 -9.11 32.33 25.18
N GLU B 116 -9.18 33.56 24.67
CA GLU B 116 -10.38 34.37 24.79
CA GLU B 116 -10.39 34.35 24.79
C GLU B 116 -11.54 33.68 24.06
N THR B 117 -11.30 33.20 22.83
CA THR B 117 -12.33 32.50 22.07
C THR B 117 -12.79 31.22 22.79
N VAL B 118 -11.83 30.50 23.33
CA VAL B 118 -12.15 29.27 24.05
C VAL B 118 -13.03 29.55 25.26
N ALA B 119 -12.69 30.57 26.06
CA ALA B 119 -13.47 30.90 27.25
C ALA B 119 -14.85 31.34 26.85
N ARG B 120 -14.95 32.15 25.80
CA ARG B 120 -16.25 32.61 25.33
C ARG B 120 -17.12 31.44 24.93
N THR B 121 -16.54 30.50 24.18
CA THR B 121 -17.26 29.33 23.72
C THR B 121 -17.70 28.44 24.88
N ARG B 122 -16.82 28.20 25.86
CA ARG B 122 -17.22 27.40 27.02
C ARG B 122 -18.34 28.07 27.79
N GLU B 123 -18.30 29.37 27.91
CA GLU B 123 -19.42 30.06 28.56
CA GLU B 123 -19.39 30.12 28.53
C GLU B 123 -20.69 29.92 27.72
N ALA B 124 -20.58 30.03 26.41
CA ALA B 124 -21.73 29.81 25.53
C ALA B 124 -22.36 28.42 25.69
N LEU B 125 -21.54 27.40 25.90
CA LEU B 125 -22.07 26.03 26.08
C LEU B 125 -22.80 25.87 27.42
N GLY B 126 -22.48 26.74 28.36
CA GLY B 126 -23.23 26.76 29.61
C GLY B 126 -23.20 25.39 30.26
N SER B 127 -24.36 24.89 30.63
CA SER B 127 -24.45 23.64 31.34
C SER B 127 -24.27 22.39 30.47
N ASP B 128 -24.06 22.56 29.16
CA ASP B 128 -23.71 21.45 28.31
C ASP B 128 -22.19 21.20 28.22
N ASP B 129 -21.39 22.00 28.91
CA ASP B 129 -19.93 21.85 28.83
C ASP B 129 -19.45 20.80 29.81
N THR B 130 -19.60 19.54 29.42
CA THR B 130 -19.28 18.41 30.30
C THR B 130 -18.02 17.63 29.97
N ALA B 131 -17.36 17.99 28.90
CA ALA B 131 -16.10 17.33 28.57
C ALA B 131 -15.01 17.64 29.61
N ARG B 132 -14.02 16.76 29.70
CA ARG B 132 -12.75 17.12 30.35
C ARG B 132 -11.98 18.07 29.39
N TRP B 133 -11.37 19.12 29.93
CA TRP B 133 -10.53 19.99 29.13
C TRP B 133 -9.08 19.95 29.63
N LEU B 134 -8.12 19.66 28.73
CA LEU B 134 -6.71 19.65 29.06
C LEU B 134 -5.98 20.66 28.22
N ARG B 135 -5.28 21.55 28.89
CA ARG B 135 -4.50 22.55 28.23
C ARG B 135 -3.18 21.95 27.77
N HIS B 136 -2.89 22.03 26.48
CA HIS B 136 -1.69 21.38 25.97
C HIS B 136 -0.43 22.22 26.19
N ASP B 137 -0.51 23.53 26.02
CA ASP B 137 0.67 24.38 26.23
C ASP B 137 0.69 24.93 27.69
N SER B 138 0.50 24.05 28.65
CA SER B 138 0.45 24.46 30.03
C SER B 138 1.83 24.41 30.64
N ALA B 139 1.93 24.89 31.88
CA ALA B 139 3.05 24.52 32.72
C ALA B 139 3.03 23.00 32.84
N PRO B 140 4.20 22.39 32.92
CA PRO B 140 4.23 20.94 32.85
C PRO B 140 3.52 20.22 34.02
N GLN B 141 3.47 20.86 35.17
CA GLN B 141 2.85 20.29 36.37
C GLN B 141 1.35 20.67 36.51
N ASP B 142 0.85 21.53 35.62
CA ASP B 142 -0.57 21.96 35.60
C ASP B 142 -1.43 20.71 35.67
N PRO B 143 -2.23 20.56 36.74
CA PRO B 143 -3.07 19.36 36.87
C PRO B 143 -4.24 19.34 35.86
N ASP B 144 -4.58 20.47 35.27
CA ASP B 144 -5.50 20.46 34.14
C ASP B 144 -4.75 20.50 32.80
N GLY B 145 -3.50 20.05 32.79
CA GLY B 145 -2.69 20.11 31.58
C GLY B 145 -2.45 18.74 30.96
N TYR B 146 -2.15 18.73 29.67
CA TYR B 146 -1.85 17.50 28.94
C TYR B 146 -0.70 16.67 29.57
N GLU B 147 0.42 17.33 29.86
CA GLU B 147 1.62 16.59 30.28
C GLU B 147 1.42 15.84 31.62
N ALA B 148 0.71 16.48 32.57
CA ALA B 148 0.43 15.86 33.85
C ALA B 148 -0.56 14.72 33.68
N PHE B 149 -1.53 14.90 32.79
CA PHE B 149 -2.48 13.81 32.50
C PHE B 149 -1.69 12.62 31.94
N LEU B 150 -0.80 12.89 30.99
CA LEU B 150 -0.02 11.84 30.33
C LEU B 150 0.93 11.17 31.33
N ALA B 151 1.62 11.97 32.13
CA ALA B 151 2.62 11.42 33.09
C ALA B 151 2.01 10.46 34.11
N ALA B 152 0.73 10.61 34.44
CA ALA B 152 0.06 9.69 35.34
C ALA B 152 -0.27 8.35 34.72
N GLY B 153 -0.07 8.19 33.40
CA GLY B 153 -0.30 6.91 32.76
C GLY B 153 0.90 5.99 32.90
N GLY B 154 0.65 4.69 32.84
CA GLY B 154 1.71 3.67 32.88
C GLY B 154 2.29 3.30 31.50
N LEU B 155 3.42 2.59 31.52
CA LEU B 155 4.19 2.29 30.31
C LEU B 155 3.65 1.16 29.48
N ALA B 156 2.79 0.32 30.06
CA ALA B 156 2.30 -0.83 29.31
C ALA B 156 1.49 -0.41 28.08
N ASP B 157 1.69 -1.14 27.00
CA ASP B 157 0.86 -1.02 25.82
C ASP B 157 -0.52 -1.60 26.13
N PRO B 158 -1.59 -0.85 25.82
CA PRO B 158 -2.98 -1.35 26.02
C PRO B 158 -3.27 -2.67 25.32
N ASP B 159 -2.70 -2.86 24.14
CA ASP B 159 -2.67 -4.17 23.53
C ASP B 159 -4.04 -4.71 23.15
N LEU B 160 -4.87 -3.82 22.64
CA LEU B 160 -6.22 -4.18 22.28
C LEU B 160 -6.30 -4.52 20.81
N ASP B 161 -7.22 -5.39 20.45
CA ASP B 161 -7.48 -5.67 19.04
C ASP B 161 -8.39 -4.58 18.46
N ILE B 162 -7.80 -3.64 17.74
CA ILE B 162 -8.56 -2.53 17.21
C ILE B 162 -8.82 -2.78 15.76
N ASP B 163 -10.07 -2.57 15.34
CA ASP B 163 -10.49 -2.73 13.97
C ASP B 163 -9.99 -1.52 13.16
N PRO B 164 -9.15 -1.77 12.14
CA PRO B 164 -8.56 -0.65 11.40
C PRO B 164 -9.56 0.16 10.58
N ASP B 165 -10.77 -0.35 10.34
CA ASP B 165 -11.79 0.48 9.68
C ASP B 165 -12.41 1.49 10.60
N SER B 166 -12.10 1.42 11.89
CA SER B 166 -12.72 2.35 12.79
C SER B 166 -12.05 3.71 12.61
N PRO B 167 -12.82 4.81 12.65
CA PRO B 167 -12.19 6.10 12.46
C PRO B 167 -11.11 6.35 13.49
N VAL B 168 -10.10 7.12 13.10
CA VAL B 168 -9.09 7.63 14.05
C VAL B 168 -8.81 9.14 13.93
N LEU B 169 -9.01 9.71 12.72
CA LEU B 169 -8.80 11.12 12.49
C LEU B 169 -10.05 11.69 11.88
N VAL B 170 -10.48 12.83 12.39
CA VAL B 170 -11.68 13.48 11.92
C VAL B 170 -11.32 14.87 11.49
N LEU B 171 -11.68 15.23 10.26
CA LEU B 171 -11.35 16.54 9.73
C LEU B 171 -12.61 17.20 9.19
N TYR B 172 -12.85 18.43 9.63
CA TYR B 172 -14.04 19.16 9.24
C TYR B 172 -13.83 19.77 7.88
N THR B 173 -14.84 19.64 7.04
CA THR B 173 -14.82 20.17 5.71
C THR B 173 -16.08 20.99 5.40
N ALA B 174 -15.89 22.07 4.64
CA ALA B 174 -16.97 22.96 4.17
C ALA B 174 -17.41 22.57 2.78
N ARG B 179 -22.02 25.09 5.95
CA ARG B 179 -22.33 23.85 6.69
C ARG B 179 -21.11 22.90 6.79
N GLN B 180 -20.53 22.84 7.98
CA GLN B 180 -19.34 22.02 8.20
C GLN B 180 -19.68 20.60 8.61
N CYS B 181 -18.94 19.63 8.04
CA CYS B 181 -19.16 18.20 8.32
C CYS B 181 -17.83 17.50 8.65
N GLY B 182 -17.81 16.66 9.68
CA GLY B 182 -16.61 15.95 10.07
C GLY B 182 -16.37 14.66 9.30
N SER B 183 -15.40 14.66 8.39
CA SER B 183 -15.07 13.44 7.62
C SER B 183 -14.27 12.46 8.48
N LEU B 184 -14.71 11.21 8.54
CA LEU B 184 -14.13 10.19 9.42
C LEU B 184 -13.09 9.34 8.67
N LEU B 185 -11.82 9.51 9.00
CA LEU B 185 -10.75 8.76 8.32
C LEU B 185 -10.27 7.63 9.20
N SER B 186 -10.32 6.39 8.70
CA SER B 186 -9.92 5.24 9.47
C SER B 186 -8.39 5.03 9.45
N HIS B 187 -7.92 4.07 10.22
CA HIS B 187 -6.51 3.65 10.21
C HIS B 187 -6.18 3.21 8.80
N THR B 188 -7.04 2.40 8.22
CA THR B 188 -6.86 1.91 6.85
C THR B 188 -6.80 3.06 5.85
N ASN B 189 -7.68 4.05 5.96
CA ASN B 189 -7.66 5.18 5.05
C ASN B 189 -6.28 5.85 5.10
N LEU B 190 -5.81 6.13 6.31
CA LEU B 190 -4.57 6.88 6.46
C LEU B 190 -3.32 6.10 5.97
N ILE B 191 -3.28 4.81 6.24
CA ILE B 191 -2.19 3.97 5.82
C ILE B 191 -2.21 3.76 4.32
N ALA B 192 -3.38 3.61 3.71
CA ALA B 192 -3.45 3.54 2.26
C ALA B 192 -3.02 4.85 1.62
N ALA B 194 -0.95 7.00 3.02
CA ALA B 194 0.47 7.19 3.29
C ALA B 194 1.30 6.28 2.40
N THR B 195 0.82 5.08 2.17
CA THR B 195 1.53 4.12 1.35
C THR B 195 1.60 4.66 -0.09
N ALA B 196 0.46 5.11 -0.60
CA ALA B 196 0.42 5.65 -1.94
C ALA B 196 1.32 6.88 -2.02
N ALA B 197 1.30 7.72 -1.00
CA ALA B 197 2.14 8.91 -1.00
C ALA B 197 3.63 8.62 -0.97
N ALA B 198 4.03 7.55 -0.28
CA ALA B 198 5.43 7.16 -0.21
C ALA B 198 5.92 6.75 -1.59
N TRP B 199 5.09 6.04 -2.34
CA TRP B 199 5.37 5.73 -3.73
C TRP B 199 5.50 6.99 -4.59
N LEU B 200 4.54 7.92 -4.48
CA LEU B 200 4.55 9.17 -5.26
C LEU B 200 5.77 10.01 -5.01
N GLY B 201 6.14 10.13 -3.75
CA GLY B 201 7.18 11.06 -3.36
C GLY B 201 8.52 10.41 -3.03
N ASP B 202 8.62 9.10 -3.21
CA ASP B 202 9.84 8.35 -2.88
C ASP B 202 10.33 8.61 -1.43
N ILE B 203 9.42 8.42 -0.49
CA ILE B 203 9.61 8.74 0.92
C ILE B 203 10.20 7.50 1.59
N ASP B 204 11.13 7.72 2.51
CA ASP B 204 11.68 6.59 3.26
C ASP B 204 12.10 6.98 4.67
N HIS B 205 12.83 6.12 5.34
CA HIS B 205 13.27 6.42 6.70
C HIS B 205 14.19 7.63 6.82
N THR B 206 14.79 8.10 5.72
CA THR B 206 15.65 9.30 5.76
C THR B 206 14.88 10.61 5.52
N THR B 207 13.59 10.50 5.17
CA THR B 207 12.78 11.71 5.01
C THR B 207 12.71 12.46 6.34
N ALA B 208 12.90 13.77 6.26
CA ALA B 208 12.69 14.67 7.35
C ALA B 208 11.74 15.78 6.87
N PHE B 209 10.48 15.74 7.34
CA PHE B 209 9.38 16.59 6.83
C PHE B 209 9.06 17.69 7.81
N LEU B 210 9.09 18.94 7.37
CA LEU B 210 8.67 20.06 8.21
C LEU B 210 7.16 20.30 8.05
N ASN B 211 6.46 20.19 9.17
CA ASN B 211 5.00 20.18 9.21
C ASN B 211 4.51 21.60 9.28
N SER B 212 4.57 22.28 8.15
CA SER B 212 4.28 23.69 8.09
C SER B 212 2.92 23.96 7.39
N GLY B 213 2.19 22.91 7.05
CA GLY B 213 0.80 23.01 6.60
C GLY B 213 -0.12 22.81 7.78
N PRO B 214 -1.37 23.28 7.67
CA PRO B 214 -2.27 23.10 8.82
C PRO B 214 -2.79 21.66 8.98
N PHE B 216 -5.34 20.77 10.50
CA PHE B 216 -6.78 20.73 10.37
C PHE B 216 -7.23 20.42 8.94
N HIS B 217 -6.30 20.36 8.00
CA HIS B 217 -6.55 19.97 6.61
C HIS B 217 -5.76 18.74 6.31
N ILE B 218 -6.23 18.02 5.30
CA ILE B 218 -5.67 16.73 4.95
C ILE B 218 -4.26 16.84 4.32
N GLY B 219 -3.99 17.97 3.66
CA GLY B 219 -2.77 18.19 2.89
C GLY B 219 -1.46 17.85 3.62
N ASN B 220 -1.28 18.45 4.78
CA ASN B 220 -0.09 18.24 5.58
C ASN B 220 0.07 16.79 6.02
N HIS B 221 -1.05 16.10 6.24
CA HIS B 221 -1.01 14.70 6.58
C HIS B 221 -0.59 13.86 5.40
N GLN B 222 -1.08 14.23 4.21
CA GLN B 222 -0.80 13.42 3.03
C GLN B 222 0.63 13.66 2.53
N PHE B 223 0.99 14.92 2.42
CA PHE B 223 2.25 15.34 1.87
C PHE B 223 2.93 16.23 2.89
N TRP B 224 3.60 15.68 3.91
CA TRP B 224 4.06 14.31 3.98
C TRP B 224 4.08 13.80 5.42
N GLY B 225 3.23 14.34 6.28
CA GLY B 225 3.16 13.92 7.65
C GLY B 225 3.03 12.43 7.85
N PRO B 227 3.01 9.71 5.53
CA PRO B 227 3.99 8.81 4.92
C PRO B 227 5.37 8.83 5.63
N THR B 228 5.76 9.98 6.15
CA THR B 228 6.99 10.07 6.89
C THR B 228 6.93 9.19 8.16
N LEU B 229 5.79 9.26 8.84
CA LEU B 229 5.58 8.46 10.02
C LEU B 229 5.58 6.98 9.66
N LEU B 230 4.80 6.63 8.65
CA LEU B 230 4.75 5.26 8.21
C LEU B 230 6.16 4.72 7.89
N ALA B 232 9.03 5.68 9.03
CA ALA B 232 9.92 5.88 10.16
C ALA B 232 10.88 7.07 10.04
N GLY B 233 10.54 8.00 9.16
CA GLY B 233 11.28 9.26 9.06
C GLY B 233 10.97 10.23 10.15
N LYS B 234 11.45 11.46 10.01
CA LYS B 234 11.39 12.45 11.10
C LYS B 234 10.41 13.56 10.78
N ASN B 235 9.46 13.80 11.70
CA ASN B 235 8.47 14.83 11.51
C ASN B 235 8.84 16.00 12.40
N VAL B 236 9.13 17.15 11.78
CA VAL B 236 9.44 18.35 12.53
C VAL B 236 8.21 19.27 12.53
N ILE B 237 7.79 19.70 13.72
CA ILE B 237 6.61 20.53 13.85
C ILE B 237 6.97 22.00 14.02
N VAL B 238 6.19 22.87 13.38
CA VAL B 238 6.17 24.29 13.72
C VAL B 238 4.74 24.76 13.93
N ARG B 239 4.60 25.71 14.84
CA ARG B 239 3.34 26.17 15.35
C ARG B 239 2.72 27.13 14.32
N ARG B 240 3.52 28.06 13.83
CA ARG B 240 3.10 29.03 12.81
C ARG B 240 4.19 29.08 11.77
N VAL B 241 3.93 29.75 10.66
CA VAL B 241 4.88 29.84 9.58
C VAL B 241 5.46 31.23 9.53
N VAL B 242 6.69 31.34 10.00
CA VAL B 242 7.43 32.58 10.00
C VAL B 242 8.68 32.27 9.21
N ALA B 243 8.89 32.97 8.10
CA ALA B 243 9.93 32.61 7.15
C ALA B 243 11.33 32.40 7.79
N GLU B 244 11.79 33.32 8.65
CA GLU B 244 13.09 33.16 9.31
C GLU B 244 13.15 31.85 10.11
N GLU B 245 12.13 31.60 10.93
CA GLU B 245 12.13 30.41 11.77
C GLU B 245 12.11 29.12 10.92
N VAL B 246 11.31 29.11 9.86
CA VAL B 246 11.27 28.00 8.91
C VAL B 246 12.63 27.77 8.27
N ARG B 247 13.28 28.85 7.85
CA ARG B 247 14.60 28.73 7.25
C ARG B 247 15.59 28.07 8.25
N ASP B 248 15.58 28.52 9.50
CA ASP B 248 16.47 27.95 10.52
C ASP B 248 16.16 26.46 10.78
N LEU B 249 14.89 26.09 10.81
CA LEU B 249 14.55 24.69 10.99
C LEU B 249 14.91 23.82 9.80
N LEU B 250 14.78 24.36 8.59
CA LEU B 250 15.17 23.61 7.40
C LEU B 250 16.65 23.22 7.43
N VAL B 251 17.50 24.11 7.94
CA VAL B 251 18.93 23.88 8.05
C VAL B 251 19.23 22.98 9.26
N ALA B 252 18.80 23.43 10.44
CA ALA B 252 19.15 22.73 11.69
C ALA B 252 18.64 21.29 11.73
N GLU B 253 17.47 21.04 11.15
CA GLU B 253 16.94 19.67 11.09
C GLU B 253 17.19 18.94 9.79
N GLU B 254 17.86 19.60 8.84
CA GLU B 254 18.20 18.97 7.57
C GLU B 254 16.99 18.36 6.88
N CYS B 255 15.97 19.21 6.71
CA CYS B 255 14.70 18.78 6.23
C CYS B 255 14.83 18.46 4.75
N THR B 256 14.21 17.36 4.33
CA THR B 256 14.15 16.98 2.92
C THR B 256 12.83 17.44 2.27
N HIS B 257 11.80 17.65 3.08
CA HIS B 257 10.49 18.02 2.58
C HIS B 257 9.85 19.01 3.54
N ALA B 258 9.03 19.89 2.98
CA ALA B 258 8.26 20.83 3.77
C ALA B 258 7.04 21.30 2.96
N PHE B 259 6.03 21.75 3.69
CA PHE B 259 4.75 22.24 3.12
C PHE B 259 4.85 23.76 3.03
N LEU B 260 5.26 24.24 1.86
CA LEU B 260 5.60 25.67 1.70
C LEU B 260 5.06 26.21 0.39
N PRO B 262 4.03 29.16 -2.52
CA PRO B 262 4.89 30.14 -3.17
C PRO B 262 5.16 31.47 -2.43
N PRO B 263 4.14 32.12 -1.85
CA PRO B 263 4.48 33.36 -1.14
C PRO B 263 5.49 33.13 -0.02
N THR B 264 5.40 32.00 0.70
CA THR B 264 6.34 31.74 1.78
C THR B 264 7.72 31.38 1.21
N VAL B 265 7.72 30.61 0.14
CA VAL B 265 8.95 30.34 -0.58
C VAL B 265 9.69 31.63 -0.95
N ALA B 266 9.01 32.61 -1.55
CA ALA B 266 9.72 33.81 -1.98
C ALA B 266 10.25 34.63 -0.78
N GLU B 267 9.53 34.61 0.34
CA GLU B 267 9.95 35.30 1.56
C GLU B 267 11.25 34.67 2.09
N ILE B 268 11.26 33.34 2.16
CA ILE B 268 12.43 32.57 2.59
C ILE B 268 13.62 32.85 1.70
N VAL B 269 13.39 32.78 0.39
CA VAL B 269 14.44 33.02 -0.58
C VAL B 269 15.07 34.41 -0.42
N ARG B 270 14.23 35.42 -0.20
CA ARG B 270 14.76 36.77 -0.05
C ARG B 270 15.64 36.84 1.22
N LEU B 271 15.19 36.27 2.33
CA LEU B 271 15.96 36.27 3.58
C LEU B 271 17.31 35.58 3.45
N ASN B 272 17.33 34.51 2.67
CA ASN B 272 18.46 33.64 2.60
C ASN B 272 19.47 34.06 1.53
N ARG B 273 19.05 34.90 0.59
CA ARG B 273 19.96 35.37 -0.45
C ARG B 273 21.29 35.86 0.16
N ASP B 274 22.38 35.28 -0.32
CA ASP B 274 23.75 35.63 0.06
C ASP B 274 24.09 35.44 1.53
N THR B 275 23.36 34.59 2.25
CA THR B 275 23.70 34.25 3.64
C THR B 275 24.56 32.99 3.77
N GLY B 276 24.66 32.22 2.69
CA GLY B 276 25.34 30.92 2.73
C GLY B 276 24.67 29.81 3.54
N HIS B 277 23.47 30.03 4.11
CA HIS B 277 22.75 28.95 4.78
C HIS B 277 22.29 27.96 3.72
N ASP B 278 22.58 26.68 3.96
CA ASP B 278 22.48 25.64 2.93
C ASP B 278 21.12 24.92 2.96
N LEU B 279 20.32 25.12 1.92
CA LEU B 279 18.97 24.56 1.87
C LEU B 279 18.84 23.51 0.81
N SER B 280 19.98 23.07 0.27
CA SER B 280 20.03 22.14 -0.85
C SER B 280 19.40 20.74 -0.57
N ARG B 281 19.33 20.33 0.69
CA ARG B 281 18.70 19.07 1.10
CA ARG B 281 18.72 19.05 1.05
C ARG B 281 17.19 19.09 0.84
N LEU B 282 16.57 20.27 0.93
CA LEU B 282 15.16 20.38 0.68
C LEU B 282 14.84 20.02 -0.77
N ARG B 283 13.91 19.09 -0.93
CA ARG B 283 13.39 18.72 -2.22
C ARG B 283 12.10 19.47 -2.49
N ALA B 284 12.21 20.55 -3.26
CA ALA B 284 11.11 21.44 -3.54
C ALA B 284 10.13 20.81 -4.53
N THR B 285 8.89 20.69 -4.10
CA THR B 285 7.82 20.11 -4.91
C THR B 285 6.96 21.19 -5.53
N VAL B 286 6.70 22.25 -4.77
CA VAL B 286 5.86 23.33 -5.27
C VAL B 286 6.70 24.49 -5.72
N ALA B 287 6.47 24.96 -6.95
CA ALA B 287 7.14 26.14 -7.51
C ALA B 287 8.67 26.07 -7.41
N PRO B 288 9.24 24.93 -7.81
CA PRO B 288 10.70 24.73 -7.69
C PRO B 288 11.55 25.90 -8.24
N HIS B 289 11.21 26.38 -9.42
CA HIS B 289 11.85 27.55 -10.04
C HIS B 289 12.00 28.78 -9.10
N LEU B 290 11.02 29.04 -8.26
CA LEU B 290 11.07 30.18 -7.32
C LEU B 290 12.17 30.10 -6.28
N TRP B 291 12.64 28.90 -6.00
CA TRP B 291 13.74 28.73 -5.07
C TRP B 291 15.07 29.22 -5.63
N GLU B 292 15.16 29.39 -6.94
CA GLU B 292 16.38 29.95 -7.56
C GLU B 292 17.61 29.12 -7.22
N GLY B 293 17.52 27.81 -7.38
CA GLY B 293 18.65 26.91 -7.13
C GLY B 293 19.09 26.75 -5.68
N ALA B 295 17.29 25.35 -3.26
CA ALA B 295 16.81 24.02 -2.89
C ALA B 295 16.91 23.14 -4.11
N THR B 296 16.95 21.84 -3.88
CA THR B 296 16.99 20.91 -4.98
C THR B 296 15.58 20.72 -5.53
N THR B 297 15.45 20.69 -6.84
CA THR B 297 14.14 20.43 -7.45
C THR B 297 13.85 18.93 -7.27
N ASP B 298 12.69 18.61 -6.69
CA ASP B 298 12.30 17.22 -6.44
C ASP B 298 12.19 16.49 -7.77
N THR B 299 12.71 15.28 -7.86
CA THR B 299 12.59 14.48 -9.08
C THR B 299 11.72 13.24 -8.90
N SER B 300 11.05 13.14 -7.76
CA SER B 300 10.04 12.11 -7.56
C SER B 300 8.93 12.28 -8.57
N ARG B 301 8.16 11.23 -8.75
CA ARG B 301 7.03 11.19 -9.66
C ARG B 301 6.01 12.29 -9.36
N PHE B 302 5.86 12.60 -8.08
CA PHE B 302 4.91 13.59 -7.63
C PHE B 302 5.16 14.89 -8.37
N THR B 303 6.42 15.30 -8.42
CA THR B 303 6.79 16.56 -9.08
C THR B 303 6.92 16.46 -10.61
N ARG B 304 7.57 15.42 -11.08
CA ARG B 304 7.81 15.21 -12.48
C ARG B 304 6.53 15.11 -13.29
N SER B 305 5.51 14.48 -12.72
CA SER B 305 4.23 14.28 -13.45
C SER B 305 3.39 15.54 -13.59
N GLY B 306 3.70 16.57 -12.80
CA GLY B 306 2.80 17.72 -12.71
C GLY B 306 1.80 17.59 -11.55
N ALA B 307 1.75 16.45 -10.89
CA ALA B 307 0.80 16.32 -9.78
C ALA B 307 1.02 17.41 -8.73
N ALA B 308 2.26 17.68 -8.39
CA ALA B 308 2.55 18.68 -7.37
C ALA B 308 2.14 20.08 -7.78
N ALA B 309 2.09 20.34 -9.09
CA ALA B 309 1.61 21.62 -9.59
C ALA B 309 0.08 21.66 -9.77
N GLY B 310 -0.63 20.62 -9.31
CA GLY B 310 -2.10 20.60 -9.33
C GLY B 310 -2.74 19.67 -10.34
N ARG B 311 -1.98 18.90 -11.09
CA ARG B 311 -2.57 17.92 -12.00
C ARG B 311 -3.07 16.68 -11.24
N GLY B 312 -4.24 16.85 -10.63
CA GLY B 312 -4.94 15.78 -9.95
C GLY B 312 -6.28 16.24 -9.44
N TYR B 313 -6.96 15.34 -8.74
CA TYR B 313 -8.22 15.61 -8.10
C TYR B 313 -8.29 14.88 -6.76
N GLY B 314 -8.83 15.55 -5.76
CA GLY B 314 -9.24 14.86 -4.55
C GLY B 314 -10.04 15.72 -3.58
N GLN B 315 -10.26 15.16 -2.38
CA GLN B 315 -11.00 15.81 -1.29
C GLN B 315 -10.72 15.00 -0.04
N THR B 316 -10.93 15.59 1.11
CA THR B 316 -10.77 14.93 2.39
C THR B 316 -11.37 13.54 2.44
N GLU B 317 -12.53 13.40 1.82
CA GLU B 317 -13.33 12.20 1.91
C GLU B 317 -12.70 11.09 1.05
N LEU B 318 -11.74 11.44 0.20
CA LEU B 318 -10.94 10.45 -0.52
C LEU B 318 -9.52 10.32 0.05
N SER B 319 -9.39 10.66 1.33
CA SER B 319 -8.12 10.74 2.00
C SER B 319 -7.13 11.62 1.23
N GLY B 320 -7.66 12.70 0.61
CA GLY B 320 -6.87 13.69 -0.10
C GLY B 320 -6.82 13.56 -1.62
N PHE B 321 -5.65 13.85 -2.16
CA PHE B 321 -5.37 13.99 -3.61
C PHE B 321 -5.15 12.60 -4.17
N ALA B 322 -6.23 11.97 -4.61
CA ALA B 322 -6.26 10.52 -4.82
C ALA B 322 -6.21 10.14 -6.30
N VAL B 323 -6.35 11.14 -7.17
CA VAL B 323 -6.30 10.96 -8.60
C VAL B 323 -5.24 11.94 -9.06
N THR B 324 -4.25 11.48 -9.83
CA THR B 324 -3.17 12.37 -10.26
C THR B 324 -2.60 11.92 -11.58
N ALA B 325 -1.88 12.83 -12.20
CA ALA B 325 -1.17 12.55 -13.43
C ALA B 325 0.05 11.65 -13.20
N ALA B 326 0.41 11.39 -11.94
CA ALA B 326 1.49 10.46 -11.63
C ALA B 326 1.09 9.01 -11.84
N TYR B 327 -0.20 8.72 -11.85
CA TYR B 327 -0.65 7.35 -12.01
C TYR B 327 -1.01 7.13 -13.46
N GLY B 328 -0.23 6.32 -14.16
CA GLY B 328 -0.63 5.83 -15.45
C GLY B 328 -0.22 6.63 -16.65
N GLY B 329 0.73 7.54 -16.51
CA GLY B 329 1.36 8.15 -17.69
C GLY B 329 0.73 9.44 -18.21
N PRO B 330 0.95 9.75 -19.50
CA PRO B 330 0.46 11.01 -20.02
C PRO B 330 -1.06 11.01 -20.02
N ALA B 331 -1.64 12.13 -19.65
CA ALA B 331 -3.08 12.21 -19.56
C ALA B 331 -3.59 13.44 -20.26
N ALA B 332 -4.58 13.26 -21.14
CA ALA B 332 -5.30 14.38 -21.74
C ALA B 332 -6.12 15.15 -20.70
N GLY B 333 -6.67 14.45 -19.72
CA GLY B 333 -7.51 15.10 -18.72
C GLY B 333 -6.65 15.73 -17.64
N ASN B 334 -7.16 16.81 -17.07
CA ASN B 334 -6.39 17.66 -16.15
C ASN B 334 -6.11 17.01 -14.79
N ALA B 335 -6.71 15.85 -14.53
CA ALA B 335 -6.56 15.20 -13.22
C ALA B 335 -5.78 13.87 -13.25
N GLY B 336 -5.61 13.27 -14.42
CA GLY B 336 -4.86 12.03 -14.53
C GLY B 336 -5.77 10.86 -14.23
N ARG B 337 -5.27 9.94 -13.39
CA ARG B 337 -5.95 8.68 -13.15
C ARG B 337 -5.92 8.30 -11.66
N PRO B 338 -6.82 7.41 -11.27
CA PRO B 338 -6.84 7.02 -9.87
C PRO B 338 -5.63 6.19 -9.44
N GLY B 339 -5.20 6.40 -8.21
CA GLY B 339 -4.13 5.64 -7.66
C GLY B 339 -4.64 4.27 -7.28
N PRO B 340 -3.74 3.38 -6.89
CA PRO B 340 -4.15 2.03 -6.48
C PRO B 340 -5.02 2.09 -5.23
N GLY B 341 -5.96 1.16 -5.14
CA GLY B 341 -6.92 1.23 -4.05
C GLY B 341 -7.99 2.32 -4.22
N LEU B 342 -8.27 2.69 -5.47
CA LEU B 342 -9.35 3.60 -5.77
C LEU B 342 -9.92 3.26 -7.12
N THR B 343 -11.22 3.09 -7.19
CA THR B 343 -11.87 3.01 -8.48
C THR B 343 -12.84 4.21 -8.59
N VAL B 344 -12.89 4.79 -9.79
CA VAL B 344 -13.66 5.97 -10.04
C VAL B 344 -14.58 5.79 -11.22
N ARG B 345 -15.85 6.15 -11.02
CA ARG B 345 -16.82 6.22 -12.12
C ARG B 345 -17.50 7.58 -12.18
N VAL B 346 -17.76 8.07 -13.38
CA VAL B 346 -18.51 9.32 -13.53
C VAL B 346 -19.95 8.93 -13.73
N LEU B 347 -20.82 9.27 -12.78
CA LEU B 347 -22.22 8.82 -12.84
C LEU B 347 -23.18 9.96 -13.13
N ASP B 348 -24.18 9.69 -13.97
CA ASP B 348 -25.20 10.71 -14.30
C ASP B 348 -26.23 10.81 -13.16
N THR B 349 -27.26 11.63 -13.35
CA THR B 349 -28.26 11.91 -12.30
CA THR B 349 -28.21 11.90 -12.27
C THR B 349 -29.03 10.65 -11.91
N ALA B 350 -29.29 9.78 -12.88
CA ALA B 350 -29.95 8.49 -12.61
C ALA B 350 -29.05 7.40 -12.00
N GLY B 351 -27.80 7.72 -11.61
CA GLY B 351 -26.85 6.71 -11.11
C GLY B 351 -26.23 5.81 -12.18
N ARG B 352 -26.41 6.12 -13.45
CA ARG B 352 -25.80 5.37 -14.54
C ARG B 352 -24.49 6.01 -15.01
N GLU B 353 -23.56 5.17 -15.43
CA GLU B 353 -22.24 5.60 -15.86
C GLU B 353 -22.28 6.46 -17.13
N CYS B 354 -21.68 7.66 -17.06
CA CYS B 354 -21.63 8.55 -18.21
C CYS B 354 -20.76 7.99 -19.32
N ALA B 355 -21.11 8.38 -20.55
CA ALA B 355 -20.31 8.06 -21.72
C ALA B 355 -19.02 8.89 -21.63
N VAL B 356 -18.01 8.50 -22.40
CA VAL B 356 -16.82 9.31 -22.60
C VAL B 356 -17.22 10.75 -23.01
N GLY B 357 -16.66 11.78 -22.37
CA GLY B 357 -16.96 13.16 -22.77
C GLY B 357 -18.12 13.81 -22.00
N GLU B 358 -18.92 13.01 -21.33
CA GLU B 358 -20.11 13.51 -20.68
C GLU B 358 -19.81 13.81 -19.22
N ALA B 359 -20.17 15.01 -18.79
CA ALA B 359 -20.04 15.39 -17.42
C ALA B 359 -21.04 14.71 -16.49
N GLY B 360 -20.56 14.33 -15.31
CA GLY B 360 -21.39 13.74 -14.28
C GLY B 360 -20.65 13.79 -12.97
N GLU B 361 -21.21 13.17 -11.94
CA GLU B 361 -20.66 13.25 -10.62
C GLU B 361 -19.52 12.22 -10.49
N ILE B 362 -18.39 12.66 -9.99
CA ILE B 362 -17.25 11.78 -9.69
C ILE B 362 -17.64 10.89 -8.49
N CYS B 363 -17.66 9.58 -8.71
CA CYS B 363 -17.97 8.63 -7.66
C CYS B 363 -16.84 7.63 -7.46
N ALA B 364 -16.70 7.12 -6.24
CA ALA B 364 -15.51 6.33 -5.88
C ALA B 364 -15.82 5.16 -4.97
N ARG B 365 -15.07 4.07 -5.15
CA ARG B 365 -14.97 2.96 -4.18
C ARG B 365 -13.49 2.67 -3.97
N GLY B 366 -13.17 2.12 -2.81
CA GLY B 366 -11.82 1.69 -2.54
C GLY B 366 -11.32 2.09 -1.18
N THR B 367 -10.05 1.80 -0.95
CA THR B 367 -9.46 1.82 0.39
CA THR B 367 -9.47 1.79 0.38
C THR B 367 -9.32 3.20 0.96
N VAL B 368 -9.18 4.22 0.11
CA VAL B 368 -9.05 5.59 0.60
C VAL B 368 -10.38 6.34 0.80
N VAL B 369 -11.50 5.71 0.46
CA VAL B 369 -12.82 6.33 0.71
C VAL B 369 -13.08 6.34 2.20
N HIS B 370 -13.36 7.53 2.73
CA HIS B 370 -13.63 7.69 4.17
C HIS B 370 -14.83 6.89 4.64
N ARG B 371 -15.07 6.90 5.95
CA ARG B 371 -16.13 6.12 6.55
C ARG B 371 -17.47 6.83 6.58
N GLY B 372 -17.54 8.04 6.05
CA GLY B 372 -18.70 8.90 6.17
C GLY B 372 -18.43 10.09 7.08
N TYR B 373 -19.40 10.97 7.15
CA TYR B 373 -19.35 12.06 8.09
C TYR B 373 -19.85 11.65 9.45
N TRP B 374 -19.31 12.30 10.47
CA TRP B 374 -19.74 12.10 11.84
C TRP B 374 -21.15 12.68 11.98
N ASN B 375 -22.06 11.95 12.61
CA ASN B 375 -23.39 12.46 12.95
C ASN B 375 -24.13 13.08 11.79
N ARG B 376 -24.14 12.37 10.66
CA ARG B 376 -24.90 12.77 9.48
C ARG B 376 -25.56 11.56 8.82
N ASP B 377 -26.43 10.87 9.56
CA ASP B 377 -27.06 9.62 9.07
C ASP B 377 -27.71 9.78 7.68
N GLU B 378 -28.50 10.83 7.49
CA GLU B 378 -29.21 11.05 6.23
C GLU B 378 -28.27 11.38 5.08
N VAL B 379 -27.40 12.35 5.31
CA VAL B 379 -26.45 12.74 4.27
C VAL B 379 -25.61 11.51 3.87
N ASN B 380 -25.19 10.68 4.84
CA ASN B 380 -24.36 9.53 4.56
C ASN B 380 -25.14 8.52 3.75
N ALA B 381 -26.39 8.22 4.14
CA ALA B 381 -27.20 7.28 3.37
C ALA B 381 -27.30 7.75 1.92
N HIS B 382 -27.55 9.02 1.72
CA HIS B 382 -27.66 9.57 0.38
C HIS B 382 -26.30 9.58 -0.37
N ARG B 383 -25.23 10.05 0.26
CA ARG B 383 -23.92 10.16 -0.44
C ARG B 383 -23.23 8.79 -0.72
N PHE B 384 -23.66 7.74 -0.04
CA PHE B 384 -23.16 6.41 -0.32
C PHE B 384 -24.15 5.56 -1.13
N ARG B 385 -25.20 6.15 -1.69
CA ARG B 385 -26.25 5.34 -2.33
C ARG B 385 -25.67 4.47 -3.46
N SER B 386 -26.20 3.26 -3.61
CA SER B 386 -25.77 2.26 -4.62
C SER B 386 -24.34 1.78 -4.43
N GLY B 387 -23.83 1.88 -3.20
CA GLY B 387 -22.47 1.47 -2.87
C GLY B 387 -21.34 2.27 -3.50
N TRP B 388 -21.60 3.50 -3.92
CA TRP B 388 -20.52 4.40 -4.36
C TRP B 388 -20.51 5.64 -3.47
N TRP B 389 -19.31 6.12 -3.13
CA TRP B 389 -19.20 7.44 -2.52
C TRP B 389 -19.35 8.54 -3.56
N HIS B 390 -20.30 9.45 -3.31
CA HIS B 390 -20.60 10.57 -4.23
C HIS B 390 -19.89 11.81 -3.76
N THR B 391 -18.99 12.33 -4.58
CA THR B 391 -18.08 13.40 -4.12
C THR B 391 -18.73 14.78 -4.11
N THR B 392 -19.81 14.95 -4.88
CA THR B 392 -20.38 16.25 -5.27
C THR B 392 -19.42 17.09 -6.12
N ASP B 393 -18.49 16.44 -6.80
CA ASP B 393 -17.62 17.11 -7.76
C ASP B 393 -17.93 16.56 -9.13
N LEU B 394 -17.88 17.44 -10.10
CA LEU B 394 -18.29 17.13 -11.45
C LEU B 394 -17.07 16.81 -12.26
N GLY B 395 -17.14 15.81 -13.14
CA GLY B 395 -15.99 15.50 -13.99
C GLY B 395 -16.39 14.75 -15.23
N ARG B 396 -15.39 14.36 -16.05
CA ARG B 396 -15.63 13.51 -17.21
C ARG B 396 -14.43 12.65 -17.55
N ARG B 397 -14.68 11.50 -18.16
CA ARG B 397 -13.60 10.71 -18.66
C ARG B 397 -13.24 11.13 -20.09
N GLU B 398 -11.95 11.15 -20.39
CA GLU B 398 -11.47 11.48 -21.71
C GLU B 398 -11.29 10.18 -22.47
N PRO B 399 -11.14 10.27 -23.81
CA PRO B 399 -10.95 9.05 -24.64
C PRO B 399 -9.72 8.22 -24.28
N ASP B 400 -8.65 8.86 -23.79
CA ASP B 400 -7.46 8.10 -23.39
C ASP B 400 -7.64 7.37 -22.03
N GLY B 401 -8.76 7.59 -21.36
CA GLY B 401 -9.05 6.91 -20.08
C GLY B 401 -8.83 7.78 -18.86
N SER B 402 -8.16 8.91 -19.00
CA SER B 402 -7.87 9.80 -17.88
C SER B 402 -9.10 10.64 -17.50
N LEU B 403 -8.99 11.42 -16.42
CA LEU B 403 -10.12 12.14 -15.88
C LEU B 403 -9.88 13.65 -15.85
N THR B 404 -10.95 14.39 -16.11
CA THR B 404 -10.96 15.84 -15.97
C THR B 404 -11.91 16.22 -14.81
N PHE B 405 -11.42 17.06 -13.93
CA PHE B 405 -12.20 17.66 -12.83
C PHE B 405 -12.71 19.01 -13.31
N LEU B 406 -14.01 19.24 -13.23
CA LEU B 406 -14.62 20.47 -13.78
C LEU B 406 -15.02 21.48 -12.71
N GLY B 407 -15.52 21.00 -11.59
CA GLY B 407 -15.91 21.88 -10.50
C GLY B 407 -16.89 21.15 -9.62
N THR B 408 -17.60 21.90 -8.80
CA THR B 408 -18.60 21.35 -7.93
C THR B 408 -19.92 21.11 -8.70
N THR B 409 -20.71 20.13 -8.23
CA THR B 409 -22.11 19.97 -8.59
C THR B 409 -23.04 20.74 -7.65
N THR B 410 -22.51 21.42 -6.64
CA THR B 410 -23.36 22.05 -5.64
C THR B 410 -23.92 23.40 -6.11
N ARG B 411 -23.34 23.94 -7.18
CA ARG B 411 -23.93 25.06 -7.87
CA ARG B 411 -23.94 25.06 -7.87
C ARG B 411 -24.67 24.48 -9.06
N LEU B 413 -27.95 25.41 -12.04
CA LEU B 413 -28.99 26.22 -12.67
C LEU B 413 -30.10 25.29 -13.07
N LYS B 414 -31.33 25.78 -13.02
CA LYS B 414 -32.40 25.07 -13.67
C LYS B 414 -33.11 26.01 -14.59
N SER B 415 -32.93 25.72 -15.88
CA SER B 415 -33.51 26.48 -16.95
C SER B 415 -34.59 25.60 -17.63
N ALA B 416 -35.86 25.96 -17.40
CA ALA B 416 -37.01 25.13 -17.79
C ALA B 416 -36.85 23.67 -17.29
N ALA B 417 -36.83 22.68 -18.19
CA ALA B 417 -36.68 21.26 -17.80
C ALA B 417 -35.25 20.86 -17.44
N GLU B 418 -34.27 21.71 -17.80
CA GLU B 418 -32.88 21.26 -17.90
C GLU B 418 -32.05 21.68 -16.69
N ASN B 419 -31.38 20.71 -16.07
CA ASN B 419 -30.36 21.03 -15.07
C ASN B 419 -29.04 21.36 -15.72
N ILE B 420 -28.42 22.44 -15.30
CA ILE B 420 -27.20 22.92 -15.92
C ILE B 420 -26.19 23.13 -14.81
N PHE B 421 -24.99 22.62 -15.04
CA PHE B 421 -23.91 22.80 -14.08
C PHE B 421 -23.02 23.95 -14.55
N PRO B 422 -23.06 25.07 -13.84
CA PRO B 422 -22.16 26.18 -14.18
C PRO B 422 -20.73 25.71 -14.38
N ALA B 423 -20.23 24.83 -13.49
CA ALA B 423 -18.83 24.45 -13.59
C ALA B 423 -18.50 23.88 -14.94
N GLU B 424 -19.45 23.16 -15.55
CA GLU B 424 -19.19 22.64 -16.89
C GLU B 424 -18.99 23.78 -17.90
N VAL B 425 -19.82 24.81 -17.80
CA VAL B 425 -19.83 25.91 -18.74
C VAL B 425 -18.58 26.78 -18.48
N GLU B 426 -18.26 26.96 -17.20
CA GLU B 426 -17.05 27.67 -16.81
C GLU B 426 -15.83 26.99 -17.41
N ASN B 427 -15.72 25.68 -17.25
CA ASN B 427 -14.56 24.97 -17.77
C ASN B 427 -14.48 25.13 -19.27
N CYS B 428 -15.62 25.11 -19.96
CA CYS B 428 -15.63 25.23 -21.40
C CYS B 428 -15.10 26.60 -21.82
N ILE B 429 -15.59 27.66 -21.20
CA ILE B 429 -15.17 29.03 -21.52
C ILE B 429 -13.69 29.23 -21.17
N GLU B 430 -13.25 28.66 -20.05
CA GLU B 430 -11.85 28.76 -19.68
C GLU B 430 -10.86 28.05 -20.62
N GLN B 431 -11.34 27.24 -21.57
CA GLN B 431 -10.42 26.65 -22.55
C GLN B 431 -9.98 27.65 -23.63
N HIS B 432 -10.79 28.69 -23.89
CA HIS B 432 -10.40 29.76 -24.84
C HIS B 432 -9.06 30.38 -24.39
N PRO B 433 -8.13 30.63 -25.34
CA PRO B 433 -6.80 31.07 -24.83
C PRO B 433 -6.80 32.53 -24.27
N ALA B 434 -7.74 33.35 -24.74
CA ALA B 434 -7.94 34.72 -24.25
C ALA B 434 -8.55 34.87 -22.85
N VAL B 435 -9.04 33.77 -22.26
CA VAL B 435 -9.77 33.80 -21.01
C VAL B 435 -8.88 33.35 -19.87
N ARG B 436 -8.80 34.16 -18.83
CA ARG B 436 -8.08 33.79 -17.62
C ARG B 436 -8.99 32.96 -16.71
N GLU B 437 -10.21 33.43 -16.51
CA GLU B 437 -11.15 32.84 -15.59
C GLU B 437 -12.58 33.19 -15.97
N ALA B 438 -13.53 32.28 -15.73
CA ALA B 438 -14.94 32.58 -15.97
C ALA B 438 -15.82 32.04 -14.86
N ALA B 439 -16.82 32.82 -14.50
CA ALA B 439 -17.83 32.38 -13.54
C ALA B 439 -19.17 32.40 -14.24
N VAL B 440 -19.99 31.40 -13.98
CA VAL B 440 -21.30 31.31 -14.64
C VAL B 440 -22.38 31.39 -13.58
N ILE B 441 -23.35 32.26 -13.84
CA ILE B 441 -24.49 32.40 -12.94
C ILE B 441 -25.81 32.25 -13.68
N GLY B 442 -26.89 32.15 -12.91
CA GLY B 442 -28.22 32.18 -13.47
C GLY B 442 -28.94 33.47 -13.16
N VAL B 443 -29.64 34.02 -14.14
CA VAL B 443 -30.39 35.24 -13.97
C VAL B 443 -31.88 34.98 -14.29
N PRO B 444 -32.79 35.62 -13.54
CA PRO B 444 -34.20 35.24 -13.69
C PRO B 444 -34.74 35.37 -15.10
N ASN B 445 -35.63 34.46 -15.42
CA ASN B 445 -36.38 34.48 -16.65
C ASN B 445 -37.81 34.12 -16.24
N THR B 446 -38.76 35.01 -16.52
CA THR B 446 -40.12 34.86 -15.97
C THR B 446 -40.87 33.68 -16.59
N ARG B 447 -40.41 33.24 -17.76
CA ARG B 447 -41.03 32.11 -18.44
C ARG B 447 -40.46 30.77 -17.96
N TRP B 448 -39.14 30.69 -17.80
CA TRP B 448 -38.56 29.39 -17.43
C TRP B 448 -37.50 29.47 -16.32
N ALA B 449 -37.81 30.29 -15.30
CA ALA B 449 -36.98 30.46 -14.08
C ALA B 449 -35.62 31.12 -14.33
N GLN B 450 -34.73 30.48 -15.11
CA GLN B 450 -33.36 30.98 -15.34
C GLN B 450 -32.83 30.92 -16.75
N ASP B 451 -32.03 31.94 -17.10
CA ASP B 451 -31.07 31.94 -18.21
C ASP B 451 -29.65 31.91 -17.65
N VAL B 452 -28.71 31.57 -18.55
CA VAL B 452 -27.30 31.40 -18.22
C VAL B 452 -26.58 32.71 -18.54
N LYS B 453 -25.76 33.16 -17.60
CA LYS B 453 -24.90 34.31 -17.80
C LYS B 453 -23.45 34.04 -17.37
N ALA B 454 -22.51 34.51 -18.19
CA ALA B 454 -21.11 34.36 -17.91
C ALA B 454 -20.48 35.70 -17.54
N VAL B 455 -19.66 35.66 -16.50
CA VAL B 455 -18.80 36.77 -16.14
C VAL B 455 -17.34 36.33 -16.39
N VAL B 456 -16.70 37.01 -17.32
CA VAL B 456 -15.47 36.54 -17.89
C VAL B 456 -14.35 37.54 -17.62
N VAL B 457 -13.23 37.01 -17.15
CA VAL B 457 -12.00 37.75 -16.93
C VAL B 457 -10.97 37.35 -18.00
N LEU B 458 -10.70 38.28 -18.90
CA LEU B 458 -9.72 38.05 -19.99
C LEU B 458 -8.30 38.16 -19.51
N GLU B 459 -7.40 37.47 -20.20
CA GLU B 459 -5.98 37.70 -20.08
C GLU B 459 -5.74 39.15 -20.50
N PRO B 460 -4.74 39.83 -19.89
CA PRO B 460 -4.54 41.26 -20.19
C PRO B 460 -4.23 41.57 -21.68
N ASP B 461 -3.54 40.65 -22.34
CA ASP B 461 -3.10 40.84 -23.71
C ASP B 461 -4.02 40.23 -24.79
N ALA B 462 -5.31 40.05 -24.50
CA ALA B 462 -6.20 39.39 -25.47
C ALA B 462 -7.51 40.12 -25.63
N GLY B 463 -8.13 39.95 -26.79
CA GLY B 463 -9.46 40.48 -27.04
C GLY B 463 -10.38 39.41 -27.61
N VAL B 464 -11.58 39.29 -27.02
CA VAL B 464 -12.69 38.54 -27.60
C VAL B 464 -14.00 39.25 -27.23
N SER B 465 -15.06 39.03 -28.00
CA SER B 465 -16.36 39.64 -27.71
C SER B 465 -17.35 38.62 -27.09
N GLU B 466 -18.45 39.16 -26.55
CA GLU B 466 -19.58 38.38 -26.04
C GLU B 466 -19.95 37.22 -26.99
N GLN B 467 -20.06 37.54 -28.28
CA GLN B 467 -20.43 36.58 -29.33
C GLN B 467 -19.40 35.47 -29.59
N GLU B 468 -18.11 35.80 -29.60
CA GLU B 468 -17.08 34.80 -29.93
C GLU B 468 -17.05 33.74 -28.87
N ILE B 469 -17.42 34.14 -27.66
CA ILE B 469 -17.43 33.27 -26.51
C ILE B 469 -18.70 32.40 -26.45
N ILE B 470 -19.83 32.95 -26.91
CA ILE B 470 -21.05 32.16 -27.15
C ILE B 470 -20.81 31.10 -28.26
N ASP B 471 -20.28 31.52 -29.43
CA ASP B 471 -19.95 30.59 -30.54
C ASP B 471 -18.84 29.59 -30.16
N HIS B 472 -17.99 29.99 -29.20
CA HIS B 472 -16.94 29.13 -28.67
C HIS B 472 -17.53 27.95 -27.95
N CYS B 473 -18.63 28.20 -27.25
CA CYS B 473 -19.38 27.13 -26.59
C CYS B 473 -20.11 26.13 -27.54
N ARG B 474 -20.63 26.60 -28.68
CA ARG B 474 -21.46 25.78 -29.58
C ARG B 474 -20.92 24.35 -29.83
N PRO B 475 -19.65 24.22 -30.28
CA PRO B 475 -19.16 22.88 -30.69
C PRO B 475 -18.83 21.84 -29.59
N ARG B 476 -18.94 22.17 -28.29
CA ARG B 476 -18.78 21.14 -27.28
C ARG B 476 -19.64 21.19 -26.05
N ILE B 477 -20.46 22.22 -25.84
CA ILE B 477 -21.52 22.05 -24.85
C ILE B 477 -22.86 22.12 -25.54
N ALA B 478 -23.86 21.51 -24.90
CA ALA B 478 -25.20 21.51 -25.40
C ALA B 478 -25.69 22.98 -25.50
N SER B 479 -26.55 23.23 -26.47
CA SER B 479 -27.01 24.56 -26.77
C SER B 479 -27.64 25.20 -25.58
N TYR B 480 -28.51 24.46 -24.90
CA TYR B 480 -29.21 25.03 -23.75
C TYR B 480 -28.27 25.49 -22.60
N LYS B 481 -26.98 25.13 -22.69
CA LYS B 481 -26.01 25.50 -21.63
C LYS B 481 -25.22 26.78 -21.91
N LYS B 482 -25.19 27.19 -23.16
CA LYS B 482 -24.46 28.41 -23.55
C LYS B 482 -25.01 29.65 -22.82
N PRO B 483 -24.14 30.62 -22.48
CA PRO B 483 -24.68 31.80 -21.84
C PRO B 483 -25.50 32.63 -22.80
N LYS B 484 -26.57 33.21 -22.30
CA LYS B 484 -27.40 34.11 -23.07
C LYS B 484 -26.72 35.49 -23.10
N SER B 485 -25.90 35.79 -22.09
CA SER B 485 -25.12 37.01 -22.08
C SER B 485 -23.79 36.83 -21.36
N VAL B 486 -22.82 37.63 -21.76
CA VAL B 486 -21.51 37.63 -21.18
C VAL B 486 -21.23 39.04 -20.68
N ALA B 487 -20.71 39.14 -19.47
CA ALA B 487 -20.20 40.37 -18.93
C ALA B 487 -18.71 40.19 -18.69
N PHE B 488 -17.94 41.22 -19.00
CA PHE B 488 -16.51 41.18 -18.82
C PHE B 488 -16.12 41.97 -17.56
N ALA B 489 -15.13 41.43 -16.84
CA ALA B 489 -14.68 42.02 -15.57
C ALA B 489 -13.16 41.93 -15.46
N ALA B 490 -12.60 42.79 -14.62
CA ALA B 490 -11.16 42.91 -14.47
C ALA B 490 -10.65 41.74 -13.67
N ALA B 491 -11.46 41.31 -12.72
CA ALA B 491 -11.21 40.09 -11.98
C ALA B 491 -12.53 39.70 -11.31
N LEU B 492 -12.59 38.48 -10.81
CA LEU B 492 -13.75 38.03 -10.09
C LEU B 492 -13.72 38.52 -8.65
N PRO B 493 -14.89 38.89 -8.11
CA PRO B 493 -14.98 39.16 -6.68
C PRO B 493 -14.63 37.95 -5.86
N ARG B 494 -13.95 38.17 -4.75
CA ARG B 494 -13.55 37.07 -3.91
C ARG B 494 -13.80 37.41 -2.44
N THR B 495 -13.83 36.37 -1.63
CA THR B 495 -14.11 36.51 -0.20
C THR B 495 -12.81 36.87 0.53
N VAL B 496 -12.92 37.27 1.79
CA VAL B 496 -11.71 37.51 2.61
C VAL B 496 -10.74 36.30 2.59
N SER B 497 -11.27 35.08 2.47
CA SER B 497 -10.41 33.89 2.34
C SER B 497 -9.84 33.67 0.91
N GLY B 498 -10.24 34.52 -0.03
CA GLY B 498 -9.81 34.42 -1.43
C GLY B 498 -10.53 33.39 -2.30
N ALA B 499 -11.72 32.96 -1.87
CA ALA B 499 -12.56 32.05 -2.67
C ALA B 499 -13.52 32.87 -3.54
N ARG B 500 -13.97 32.28 -4.64
CA ARG B 500 -14.88 33.00 -5.54
C ARG B 500 -16.12 33.44 -4.76
N ASP B 501 -16.54 34.69 -4.94
CA ASP B 501 -17.69 35.20 -4.20
C ASP B 501 -18.95 35.18 -5.07
N TYR B 502 -19.61 34.03 -5.11
CA TYR B 502 -20.80 33.87 -5.95
C TYR B 502 -21.97 34.76 -5.52
N ASP B 503 -22.12 34.99 -4.22
CA ASP B 503 -23.17 35.89 -3.72
C ASP B 503 -22.98 37.32 -4.22
N ALA B 504 -21.73 37.77 -4.26
CA ALA B 504 -21.43 39.11 -4.82
C ALA B 504 -21.63 39.14 -6.34
N LEU B 505 -21.30 38.04 -7.02
CA LEU B 505 -21.62 37.95 -8.47
C LEU B 505 -23.12 38.12 -8.71
N ASP B 506 -23.94 37.42 -7.95
CA ASP B 506 -25.40 37.52 -8.11
C ASP B 506 -25.93 38.93 -7.87
N LYS B 507 -25.36 39.62 -6.89
CA LYS B 507 -25.76 40.99 -6.59
C LYS B 507 -25.34 41.96 -7.68
N GLU B 508 -24.11 41.85 -8.16
CA GLU B 508 -23.66 42.77 -9.20
C GLU B 508 -24.39 42.55 -10.52
N TYR B 509 -24.56 41.29 -10.96
CA TYR B 509 -24.97 41.03 -12.35
C TYR B 509 -26.39 40.51 -12.53
N GLY B 510 -27.22 40.59 -11.49
CA GLY B 510 -28.67 40.36 -11.66
C GLY B 510 -29.07 38.91 -11.50
N GLY B 511 -28.33 38.21 -10.66
CA GLY B 511 -28.52 36.78 -10.45
C GLY B 511 -29.71 36.47 -9.58
N GLY B 512 -30.27 35.29 -9.79
CA GLY B 512 -31.42 34.81 -9.03
C GLY B 512 -32.19 33.78 -9.84
N GLY B 513 -33.22 33.21 -9.19
CA GLY B 513 -34.12 32.24 -9.82
C GLY B 513 -33.63 30.81 -9.73
N TYR B 514 -32.73 30.56 -8.78
CA TYR B 514 -32.04 29.26 -8.65
C TYR B 514 -33.00 28.21 -8.10
N PRO B 515 -32.68 26.91 -8.29
CA PRO B 515 -33.39 25.86 -7.57
C PRO B 515 -32.83 25.61 -6.16
#